data_2IX0
#
_entry.id   2IX0
#
_cell.length_a   56.836
_cell.length_b   125.719
_cell.length_c   66.244
_cell.angle_alpha   90.00
_cell.angle_beta   111.91
_cell.angle_gamma   90.00
#
_symmetry.space_group_name_H-M   'P 1 21 1'
#
loop_
_entity.id
_entity.type
_entity.pdbx_description
1 polymer 'EXORIBONUCLEASE 2'
2 non-polymer "CYTIDINE-5'-MONOPHOSPHATE"
3 non-polymer 'MAGNESIUM ION'
4 non-polymer 'CALCIUM ION'
5 water water
#
_entity_poly.entity_id   1
_entity_poly.type   'polypeptide(L)'
_entity_poly.pdbx_seq_one_letter_code
;MGSSHHHHHHSSGLVPRGSHMLDDPLLAQLKQQLHSQTPRAEGVVKATEKGFGFLEVDAQKSYFIPPPQMKKVMHGDRII
AVIHSEKERESAEPEELVEPFLTRFVGKVQGKNDRLAIVPDHPLLKDAIPCRAARGLNHEFKEGDWAVAEMRRHPLKGDR
SFYAELTQYITFGDDHFVPWWVTLARHNLEKEAPDGVATEMLDEGLVREDLTALDFVTIDSASTEDMDDALFAKALPDDK
LQLIVAIADPTAWIAEGSKLDKAAKIRAFTNYLPGFNIPMLPRELSDDLCSLRANEVRPVLACRMTLSADGTIEDNIEFF
AATIESKAKLVYDQVSDWLENTGDWQPESEAIAEQVRLLAQICQRRGEWRHNHALVFKDRPDYRFILGEKGEVLDIVAEP
RRIANRIVEEAMIAANICAARVLRDKLGFGIYNVHMGFDPANADALAALLKTHGLHVDAEEVLTLDGFCKLRRELDAQPT
GFLDSRIRRFQSFAEISTEPGPHFGLGLEAYATWTSPIRKYGDMINHRLLKAVIKGETATRPQDEITVQMAERRRLNRMA
ERDVGDWLYARFLKDKAGTDTRFAAEIVDISRGGMRVRLVDNGAIAFIPAPFLHAVRDELVCSQENGTVQIKGETVYKVT
DVIDVTIAEVRMETRSIIARPVA
;
_entity_poly.pdbx_strand_id   A
#
# COMPACT_ATOMS: atom_id res chain seq x y z
N ASP A 23 -53.72 -18.99 3.01
N ASP A 23 -58.92 -15.74 1.10
CA ASP A 23 -53.82 -17.84 3.97
CA ASP A 23 -58.00 -16.38 2.08
C ASP A 23 -55.28 -17.42 4.00
C ASP A 23 -58.30 -15.95 3.52
N ASP A 24 -55.66 -16.69 5.05
N ASP A 24 -58.26 -16.94 4.41
CA ASP A 24 -57.06 -16.50 5.42
CA ASP A 24 -58.58 -16.78 5.82
C ASP A 24 -57.06 -16.28 6.92
C ASP A 24 -57.38 -16.23 6.63
N PRO A 25 -57.60 -15.14 7.41
CA PRO A 25 -56.69 -14.53 8.43
C PRO A 25 -56.16 -15.51 9.48
N LEU A 26 -57.02 -16.43 9.89
CA LEU A 26 -56.69 -17.55 10.78
C LEU A 26 -55.66 -18.47 10.15
N LEU A 27 -55.97 -18.92 8.93
CA LEU A 27 -55.11 -19.85 8.23
C LEU A 27 -53.78 -19.18 7.93
N ALA A 28 -53.81 -17.86 7.71
CA ALA A 28 -52.60 -17.10 7.38
C ALA A 28 -51.70 -16.96 8.58
N GLN A 29 -52.29 -16.64 9.71
CA GLN A 29 -51.53 -16.57 10.94
C GLN A 29 -50.87 -17.93 11.18
N LEU A 30 -51.60 -19.01 10.95
CA LEU A 30 -51.06 -20.36 11.18
C LEU A 30 -49.86 -20.63 10.26
N LYS A 31 -50.02 -20.33 8.96
CA LYS A 31 -48.99 -20.64 7.96
C LYS A 31 -47.76 -19.82 8.19
N GLN A 32 -47.96 -18.55 8.51
CA GLN A 32 -46.91 -17.73 9.11
C GLN A 32 -46.05 -18.26 10.24
N GLN A 33 -46.72 -18.76 11.29
CA GLN A 33 -46.02 -19.28 12.45
C GLN A 33 -45.25 -20.54 12.07
N LEU A 34 -45.82 -21.31 11.16
CA LEU A 34 -45.20 -22.52 10.62
C LEU A 34 -43.99 -22.18 9.78
N HIS A 35 -44.18 -21.19 8.92
CA HIS A 35 -43.09 -20.68 8.09
C HIS A 35 -41.92 -20.17 8.94
N SER A 36 -42.24 -19.48 10.01
CA SER A 36 -41.29 -18.87 10.92
C SER A 36 -40.40 -19.88 11.72
N GLN A 37 -40.93 -21.07 12.03
CA GLN A 37 -40.18 -22.14 12.72
C GLN A 37 -39.51 -23.17 11.77
N THR A 38 -39.60 -22.94 10.47
CA THR A 38 -38.94 -23.77 9.48
C THR A 38 -37.43 -23.82 9.78
N PRO A 39 -36.80 -25.02 9.76
CA PRO A 39 -35.36 -25.06 10.03
C PRO A 39 -34.55 -24.20 9.04
N ARG A 40 -33.68 -23.39 9.63
CA ARG A 40 -32.87 -22.37 8.97
C ARG A 40 -31.39 -22.33 9.25
N ALA A 41 -30.59 -21.83 8.32
CA ALA A 41 -29.18 -21.53 8.61
C ALA A 41 -28.71 -20.32 7.84
N GLU A 42 -27.80 -19.59 8.47
CA GLU A 42 -27.14 -18.43 7.88
C GLU A 42 -25.68 -18.75 7.54
N GLY A 43 -25.23 -18.31 6.37
CA GLY A 43 -23.90 -18.63 5.88
C GLY A 43 -23.54 -17.92 4.58
N VAL A 44 -22.34 -18.24 4.09
CA VAL A 44 -21.78 -17.62 2.91
C VAL A 44 -21.77 -18.66 1.80
N VAL A 45 -22.19 -18.22 0.61
CA VAL A 45 -22.25 -19.10 -0.55
C VAL A 45 -20.85 -19.30 -1.14
N LYS A 46 -20.51 -20.56 -1.41
CA LYS A 46 -19.28 -20.94 -2.11
C LYS A 46 -19.65 -21.77 -3.34
N ALA A 47 -19.14 -21.37 -4.51
CA ALA A 47 -19.47 -22.03 -5.78
C ALA A 47 -18.37 -22.95 -6.35
N THR A 48 -18.77 -23.74 -7.37
CA THR A 48 -17.92 -24.21 -8.51
C THR A 48 -18.76 -24.95 -9.59
N GLU A 49 -18.78 -26.29 -9.57
CA GLU A 49 -19.23 -27.09 -10.73
C GLU A 49 -20.74 -27.35 -10.73
N PHE A 52 -23.21 -26.68 -8.61
CA PHE A 52 -23.53 -26.77 -7.18
C PHE A 52 -22.44 -26.19 -6.30
N GLY A 53 -22.84 -25.72 -5.12
CA GLY A 53 -21.89 -25.23 -4.14
C GLY A 53 -22.29 -25.58 -2.74
N PHE A 54 -21.81 -24.81 -1.79
CA PHE A 54 -22.09 -25.04 -0.37
C PHE A 54 -22.46 -23.76 0.35
N LEU A 55 -23.28 -23.92 1.39
CA LEU A 55 -23.55 -22.84 2.32
C LEU A 55 -22.61 -23.08 3.48
N GLU A 56 -21.61 -22.22 3.58
CA GLU A 56 -20.60 -22.33 4.61
C GLU A 56 -21.05 -21.51 5.80
N VAL A 57 -21.45 -22.22 6.83
CA VAL A 57 -22.05 -21.65 8.02
C VAL A 57 -20.94 -21.35 9.03
N ASP A 58 -20.01 -22.29 9.17
CA ASP A 58 -18.79 -22.05 9.94
C ASP A 58 -17.67 -23.02 9.52
N ALA A 59 -16.64 -23.09 10.37
CA ALA A 59 -15.44 -23.88 10.12
C ALA A 59 -15.72 -25.36 9.88
N GLN A 60 -16.69 -25.93 10.60
CA GLN A 60 -16.96 -27.36 10.46
C GLN A 60 -18.44 -27.65 10.18
N LYS A 61 -19.13 -26.67 9.58
CA LYS A 61 -20.51 -26.90 9.16
C LYS A 61 -20.78 -26.23 7.81
N SER A 62 -21.17 -27.05 6.85
CA SER A 62 -21.56 -26.57 5.53
C SER A 62 -22.72 -27.40 4.96
N TYR A 63 -23.53 -26.78 4.12
CA TYR A 63 -24.60 -27.48 3.43
C TYR A 63 -24.48 -27.40 1.92
N PHE A 64 -24.74 -28.55 1.32
CA PHE A 64 -24.81 -28.71 -0.12
C PHE A 64 -25.93 -27.85 -0.72
N ILE A 65 -25.58 -27.02 -1.70
CA ILE A 65 -26.60 -26.32 -2.47
C ILE A 65 -26.70 -26.95 -3.86
N PRO A 66 -27.85 -27.59 -4.16
CA PRO A 66 -28.08 -28.12 -5.51
C PRO A 66 -27.99 -27.04 -6.58
N PRO A 67 -27.58 -27.38 -7.81
CA PRO A 67 -27.48 -26.37 -8.89
C PRO A 67 -28.75 -25.55 -9.23
N PRO A 68 -29.95 -26.15 -9.13
CA PRO A 68 -31.17 -25.33 -9.24
C PRO A 68 -31.30 -24.23 -8.15
N GLN A 69 -30.77 -24.54 -6.96
CA GLN A 69 -30.72 -23.63 -5.82
C GLN A 69 -29.58 -22.65 -5.98
N MET A 70 -28.49 -23.13 -6.56
CA MET A 70 -27.45 -22.27 -7.10
C MET A 70 -27.82 -21.02 -7.89
N LYS A 71 -28.87 -21.17 -8.67
CA LYS A 71 -29.33 -20.14 -9.57
C LYS A 71 -29.75 -18.86 -8.84
N LYS A 72 -30.14 -18.99 -7.57
CA LYS A 72 -30.68 -17.86 -6.78
C LYS A 72 -29.59 -16.97 -6.17
N VAL A 73 -28.42 -17.54 -6.19
CA VAL A 73 -27.23 -17.03 -5.52
C VAL A 73 -26.01 -16.75 -6.32
N MET A 74 -25.16 -15.88 -5.79
CA MET A 74 -23.82 -15.69 -6.30
C MET A 74 -22.80 -16.22 -5.28
N HIS A 75 -21.69 -16.77 -5.76
CA HIS A 75 -20.56 -16.96 -4.87
C HIS A 75 -20.37 -15.76 -3.92
N GLY A 76 -20.25 -16.03 -2.62
CA GLY A 76 -19.91 -15.00 -1.63
C GLY A 76 -21.08 -14.24 -1.01
N ASP A 77 -22.30 -14.45 -1.53
CA ASP A 77 -23.50 -13.86 -0.92
C ASP A 77 -23.63 -14.44 0.47
N ARG A 78 -23.93 -13.56 1.42
CA ARG A 78 -24.30 -13.95 2.75
C ARG A 78 -25.81 -14.07 2.79
N ILE A 79 -26.29 -15.25 3.17
CA ILE A 79 -27.70 -15.55 3.05
C ILE A 79 -28.25 -16.31 4.24
N ILE A 80 -29.58 -16.35 4.27
CA ILE A 80 -30.32 -17.29 5.08
C ILE A 80 -30.97 -18.29 4.10
N ALA A 81 -30.93 -19.57 4.48
CA ALA A 81 -31.50 -20.64 3.72
C ALA A 81 -32.37 -21.55 4.59
N VAL A 82 -33.48 -22.02 4.03
CA VAL A 82 -34.08 -23.28 4.49
C VAL A 82 -33.21 -24.51 4.50
N ILE A 83 -33.08 -25.21 5.63
CA ILE A 83 -32.41 -26.52 5.59
C ILE A 83 -33.43 -27.61 5.28
N HIS A 84 -33.08 -28.49 4.34
CA HIS A 84 -33.93 -29.59 3.86
C HIS A 84 -33.24 -30.92 4.09
N SER A 85 -34.01 -31.93 4.49
CA SER A 85 -33.52 -33.31 4.60
C SER A 85 -34.44 -34.28 3.86
N GLU A 86 -34.00 -35.54 3.80
CA GLU A 86 -34.87 -36.74 3.62
C GLU A 86 -34.00 -37.89 3.08
N ARG A 89 -29.28 -37.28 3.48
CA ARG A 89 -28.80 -36.15 2.69
C ARG A 89 -29.52 -34.85 3.08
N GLU A 90 -28.78 -33.87 3.63
CA GLU A 90 -29.35 -32.52 3.79
C GLU A 90 -28.79 -31.47 2.83
N SER A 91 -29.65 -30.50 2.52
CA SER A 91 -29.34 -29.45 1.56
C SER A 91 -29.93 -28.11 2.03
N ALA A 92 -29.40 -27.04 1.46
CA ALA A 92 -29.77 -25.69 1.84
C ALA A 92 -30.47 -25.11 0.65
N GLU A 93 -31.59 -24.46 0.93
CA GLU A 93 -32.39 -23.90 -0.11
C GLU A 93 -32.44 -22.42 0.16
N PRO A 94 -31.60 -21.64 -0.58
CA PRO A 94 -31.67 -20.18 -0.32
C PRO A 94 -32.92 -19.34 -0.26
N GLU A 95 -33.04 -18.50 0.76
CA GLU A 95 -34.32 -17.87 1.01
C GLU A 95 -34.23 -16.36 1.12
N GLU A 96 -33.25 -15.88 1.87
CA GLU A 96 -33.11 -14.47 2.11
C GLU A 96 -31.65 -13.97 1.95
N LEU A 97 -31.50 -12.81 1.33
CA LEU A 97 -30.19 -12.18 1.19
C LEU A 97 -29.86 -11.35 2.42
N VAL A 98 -28.73 -11.61 3.05
CA VAL A 98 -28.31 -10.85 4.21
C VAL A 98 -27.38 -9.74 3.71
N GLU A 99 -26.46 -10.11 2.83
CA GLU A 99 -25.55 -9.14 2.26
C GLU A 99 -25.06 -9.72 0.95
N PRO A 100 -25.24 -8.98 -0.16
CA PRO A 100 -24.67 -9.48 -1.41
C PRO A 100 -23.16 -9.31 -1.48
N PHE A 101 -22.50 -10.30 -2.04
CA PHE A 101 -21.12 -10.19 -2.46
C PHE A 101 -20.84 -8.97 -3.36
N LEU A 102 -21.70 -8.78 -4.36
CA LEU A 102 -21.41 -7.84 -5.44
C LEU A 102 -22.34 -6.64 -5.48
N THR A 103 -21.69 -5.50 -5.44
CA THR A 103 -22.28 -4.18 -5.56
C THR A 103 -21.90 -3.38 -6.80
N ARG A 104 -20.94 -2.47 -6.60
CA ARG A 104 -20.13 -1.85 -7.64
C ARG A 104 -18.98 -2.76 -8.04
N PHE A 105 -18.79 -2.90 -9.34
CA PHE A 105 -17.79 -3.77 -9.84
C PHE A 105 -17.38 -3.40 -11.26
N VAL A 106 -16.35 -4.07 -11.75
CA VAL A 106 -15.97 -3.89 -13.15
C VAL A 106 -16.01 -5.23 -13.89
N GLY A 107 -16.06 -5.13 -15.21
CA GLY A 107 -16.16 -6.32 -16.04
C GLY A 107 -16.15 -6.02 -17.51
N LYS A 108 -16.10 -7.10 -18.28
CA LYS A 108 -16.19 -7.03 -19.74
C LYS A 108 -17.60 -7.41 -20.25
N VAL A 109 -18.08 -6.53 -21.12
CA VAL A 109 -19.42 -6.62 -21.69
C VAL A 109 -19.44 -7.60 -22.87
N GLN A 110 -20.62 -8.17 -23.07
CA GLN A 110 -20.95 -9.16 -24.08
C GLN A 110 -22.28 -9.06 -24.88
N GLY A 111 -22.24 -9.24 -26.22
CA GLY A 111 -23.37 -9.74 -27.06
C GLY A 111 -24.45 -8.79 -27.61
N LYS A 112 -24.02 -7.75 -28.33
CA LYS A 112 -24.43 -6.33 -28.06
C LYS A 112 -25.85 -5.79 -28.26
N ASN A 113 -26.02 -4.54 -27.79
CA ASN A 113 -27.26 -3.95 -27.18
C ASN A 113 -28.60 -4.66 -27.41
N ASP A 114 -28.71 -5.33 -28.56
CA ASP A 114 -29.62 -6.47 -28.71
C ASP A 114 -29.53 -7.44 -27.50
N ARG A 115 -29.04 -6.97 -26.35
CA ARG A 115 -28.80 -7.76 -25.13
C ARG A 115 -27.35 -7.56 -24.73
N LEU A 116 -27.13 -6.90 -23.61
CA LEU A 116 -25.81 -6.77 -23.03
C LEU A 116 -25.81 -7.62 -21.78
N ALA A 117 -24.67 -8.18 -21.50
CA ALA A 117 -24.44 -8.83 -20.22
C ALA A 117 -23.01 -8.44 -19.80
N ILE A 118 -22.68 -8.64 -18.54
CA ILE A 118 -21.35 -8.31 -18.03
C ILE A 118 -20.82 -9.41 -17.09
N VAL A 119 -19.62 -9.90 -17.39
CA VAL A 119 -18.95 -10.85 -16.55
C VAL A 119 -18.07 -10.04 -15.61
N PRO A 120 -18.30 -10.17 -14.28
CA PRO A 120 -17.45 -9.45 -13.33
C PRO A 120 -16.01 -9.86 -13.46
N ASP A 121 -15.07 -8.96 -13.21
CA ASP A 121 -13.65 -9.29 -13.30
C ASP A 121 -13.11 -10.20 -12.16
N HIS A 122 -13.79 -10.16 -11.03
CA HIS A 122 -13.82 -11.28 -10.11
C HIS A 122 -13.51 -12.72 -10.53
N PRO A 123 -12.33 -13.23 -10.16
CA PRO A 123 -11.96 -14.55 -10.67
C PRO A 123 -12.97 -15.67 -10.38
N LEU A 124 -13.61 -15.60 -9.22
CA LEU A 124 -14.63 -16.56 -8.82
C LEU A 124 -16.07 -16.27 -9.31
N LEU A 125 -16.27 -15.20 -10.08
CA LEU A 125 -17.59 -14.87 -10.63
C LEU A 125 -17.56 -15.02 -12.15
N LYS A 126 -18.07 -16.14 -12.64
CA LYS A 126 -17.86 -16.55 -14.03
C LYS A 126 -19.04 -16.27 -14.94
N ASP A 127 -20.21 -15.96 -14.38
CA ASP A 127 -21.44 -15.85 -15.16
C ASP A 127 -21.67 -14.44 -15.65
N ALA A 128 -22.27 -14.33 -16.84
CA ALA A 128 -22.63 -13.03 -17.39
C ALA A 128 -23.84 -12.53 -16.66
N ILE A 129 -23.87 -11.24 -16.36
CA ILE A 129 -25.03 -10.65 -15.72
C ILE A 129 -25.70 -9.71 -16.72
N PRO A 130 -27.00 -9.96 -17.03
CA PRO A 130 -27.70 -9.05 -17.92
C PRO A 130 -27.64 -7.64 -17.38
N CYS A 131 -27.45 -6.70 -18.29
CA CYS A 131 -27.27 -5.33 -17.89
C CYS A 131 -27.76 -4.39 -18.98
N ARG A 132 -27.74 -3.09 -18.66
CA ARG A 132 -27.93 -2.06 -19.66
C ARG A 132 -27.23 -0.79 -19.16
N ALA A 133 -26.96 0.10 -20.11
CA ALA A 133 -26.39 1.39 -19.82
C ALA A 133 -27.34 2.27 -19.03
N ALA A 134 -26.78 2.93 -18.02
CA ALA A 134 -27.46 3.99 -17.28
C ALA A 134 -27.86 5.11 -18.25
N ARG A 135 -28.97 5.76 -17.95
CA ARG A 135 -29.35 6.90 -18.77
C ARG A 135 -28.27 7.99 -18.64
N GLY A 136 -28.09 8.73 -19.74
CA GLY A 136 -27.06 9.75 -19.84
C GLY A 136 -25.71 9.18 -20.21
N LEU A 137 -25.61 7.85 -20.24
CA LEU A 137 -24.35 7.21 -20.59
C LEU A 137 -24.34 7.14 -22.11
N ASN A 138 -23.66 8.11 -22.73
CA ASN A 138 -23.74 8.27 -24.18
C ASN A 138 -23.32 6.99 -24.90
N HIS A 139 -22.04 6.63 -24.72
CA HIS A 139 -21.48 5.31 -25.08
C HIS A 139 -22.21 4.05 -25.65
N GLU A 140 -21.88 3.66 -26.87
CA GLU A 140 -22.45 2.43 -27.45
C GLU A 140 -21.58 1.20 -27.17
N PHE A 141 -21.99 0.37 -26.22
CA PHE A 141 -21.17 -0.75 -25.74
C PHE A 141 -21.03 -1.85 -26.76
N LYS A 142 -19.80 -2.33 -26.96
CA LYS A 142 -19.55 -3.54 -27.76
C LYS A 142 -18.79 -4.64 -27.00
N GLU A 143 -18.78 -5.82 -27.60
CA GLU A 143 -18.02 -6.99 -27.12
C GLU A 143 -16.65 -6.57 -26.67
N GLY A 144 -16.27 -7.00 -25.47
CA GLY A 144 -14.97 -6.73 -24.92
C GLY A 144 -14.84 -5.46 -24.11
N ASP A 145 -15.80 -4.52 -24.23
CA ASP A 145 -15.70 -3.22 -23.56
C ASP A 145 -15.71 -3.36 -22.05
N TRP A 146 -14.85 -2.60 -21.39
CA TRP A 146 -14.76 -2.62 -19.94
C TRP A 146 -15.72 -1.59 -19.41
N ALA A 147 -16.53 -2.00 -18.45
CA ALA A 147 -17.42 -1.07 -17.78
C ALA A 147 -17.31 -1.19 -16.27
N VAL A 148 -17.68 -0.10 -15.60
CA VAL A 148 -18.06 -0.08 -14.22
C VAL A 148 -19.56 -0.33 -14.21
N ALA A 149 -20.00 -1.10 -13.22
CA ALA A 149 -21.40 -1.53 -13.13
C ALA A 149 -21.85 -1.57 -11.69
N GLU A 150 -23.16 -1.51 -11.52
CA GLU A 150 -23.84 -1.64 -10.22
C GLU A 150 -24.89 -2.72 -10.27
N MET A 151 -24.84 -3.66 -9.36
CA MET A 151 -25.93 -4.62 -9.27
C MET A 151 -27.24 -3.95 -8.87
N ARG A 152 -28.33 -4.34 -9.52
CA ARG A 152 -29.67 -3.77 -9.22
C ARG A 152 -30.74 -4.79 -8.84
N ARG A 153 -30.59 -6.04 -9.31
CA ARG A 153 -31.56 -7.08 -9.03
C ARG A 153 -30.86 -8.33 -8.56
N HIS A 154 -31.59 -9.08 -7.73
CA HIS A 154 -31.12 -10.35 -7.12
C HIS A 154 -32.32 -11.28 -6.96
N PRO A 155 -32.20 -12.55 -7.41
CA PRO A 155 -33.31 -13.51 -7.20
C PRO A 155 -33.88 -13.61 -5.78
N LEU A 156 -33.03 -13.47 -4.76
CA LEU A 156 -33.51 -13.50 -3.39
C LEU A 156 -34.21 -12.23 -2.92
N LYS A 157 -34.14 -11.17 -3.73
CA LYS A 157 -34.94 -9.96 -3.46
C LYS A 157 -36.24 -10.03 -4.24
N GLY A 158 -36.54 -11.20 -4.82
CA GLY A 158 -37.79 -11.44 -5.50
C GLY A 158 -37.74 -11.28 -7.01
N ASP A 159 -36.57 -10.89 -7.54
CA ASP A 159 -36.48 -10.61 -8.95
C ASP A 159 -36.31 -11.93 -9.68
N ARG A 160 -36.81 -11.99 -10.90
CA ARG A 160 -36.65 -13.16 -11.72
C ARG A 160 -35.18 -13.43 -12.06
N SER A 161 -34.43 -12.38 -12.29
CA SER A 161 -33.04 -12.53 -12.71
C SER A 161 -32.10 -11.60 -11.94
N PHE A 162 -30.83 -11.98 -11.89
CA PHE A 162 -29.77 -11.01 -11.62
C PHE A 162 -29.78 -9.97 -12.74
N TYR A 163 -29.42 -8.75 -12.37
CA TYR A 163 -29.37 -7.64 -13.28
C TYR A 163 -28.46 -6.54 -12.71
N ALA A 164 -27.75 -5.87 -13.63
CA ALA A 164 -26.87 -4.75 -13.31
C ALA A 164 -27.10 -3.56 -14.26
N GLU A 165 -26.86 -2.36 -13.76
CA GLU A 165 -26.68 -1.17 -14.59
C GLU A 165 -25.19 -0.84 -14.89
N LEU A 166 -24.85 -0.64 -16.17
CA LEU A 166 -23.55 -0.11 -16.51
C LEU A 166 -23.55 1.38 -16.21
N THR A 167 -22.60 1.82 -15.40
CA THR A 167 -22.56 3.24 -14.98
C THR A 167 -21.40 4.03 -15.60
N GLN A 168 -20.41 3.36 -16.16
CA GLN A 168 -19.27 4.07 -16.75
C GLN A 168 -18.62 3.24 -17.83
N TYR A 169 -18.29 3.88 -18.94
CA TYR A 169 -17.50 3.21 -19.97
C TYR A 169 -16.04 3.39 -19.59
N ILE A 170 -15.36 2.28 -19.37
CA ILE A 170 -13.91 2.25 -19.19
C ILE A 170 -13.00 2.50 -20.38
N THR A 171 -12.77 1.43 -21.14
CA THR A 171 -12.07 1.46 -22.39
C THR A 171 -12.46 0.18 -23.14
N PHE A 172 -11.89 0.02 -24.32
CA PHE A 172 -12.20 -1.09 -25.20
C PHE A 172 -11.28 -2.27 -24.86
N GLY A 173 -11.77 -3.46 -25.20
CA GLY A 173 -11.21 -4.71 -24.73
C GLY A 173 -9.76 -4.97 -25.06
N ASP A 174 -9.28 -4.43 -26.16
CA ASP A 174 -7.88 -4.71 -26.52
C ASP A 174 -6.97 -3.46 -26.51
N ASP A 175 -7.44 -2.43 -25.82
CA ASP A 175 -6.62 -1.33 -25.43
C ASP A 175 -5.42 -1.83 -24.63
N HIS A 176 -4.22 -1.43 -25.07
CA HIS A 176 -2.99 -1.77 -24.40
C HIS A 176 -2.94 -1.19 -23.00
N PHE A 177 -3.74 -0.18 -22.75
CA PHE A 177 -3.66 0.56 -21.50
C PHE A 177 -4.73 0.19 -20.51
N VAL A 178 -5.57 -0.79 -20.88
CA VAL A 178 -6.30 -1.64 -19.93
C VAL A 178 -5.85 -1.63 -18.44
N PRO A 179 -4.65 -2.21 -18.19
CA PRO A 179 -4.15 -2.18 -16.85
C PRO A 179 -4.44 -0.99 -15.96
N TRP A 180 -4.18 0.17 -16.55
CA TRP A 180 -4.19 1.42 -15.84
C TRP A 180 -5.62 1.90 -15.68
N TRP A 181 -6.38 1.92 -16.78
CA TRP A 181 -7.72 2.47 -16.79
C TRP A 181 -8.71 1.61 -16.02
N VAL A 182 -8.63 0.31 -16.22
CA VAL A 182 -9.47 -0.59 -15.44
C VAL A 182 -9.18 -0.47 -13.93
N THR A 183 -7.89 -0.35 -13.55
CA THR A 183 -7.51 -0.35 -12.14
C THR A 183 -7.98 0.94 -11.49
N LEU A 184 -7.68 2.08 -12.12
CA LEU A 184 -8.18 3.36 -11.59
C LEU A 184 -9.72 3.36 -11.41
N ALA A 185 -10.42 2.89 -12.43
CA ALA A 185 -11.86 2.76 -12.39
C ALA A 185 -12.35 1.82 -11.27
N ARG A 186 -11.72 0.66 -11.14
CA ARG A 186 -12.22 -0.29 -10.15
C ARG A 186 -12.13 0.29 -8.73
N HIS A 187 -11.10 1.07 -8.42
CA HIS A 187 -10.99 1.66 -7.08
C HIS A 187 -11.61 3.04 -7.06
N ASN A 188 -12.25 3.42 -8.17
CA ASN A 188 -12.85 4.73 -8.31
C ASN A 188 -11.88 5.85 -7.98
N LEU A 189 -10.69 5.75 -8.53
CA LEU A 189 -9.62 6.71 -8.22
C LEU A 189 -9.51 7.68 -9.39
N GLU A 190 -8.97 8.87 -9.16
CA GLU A 190 -8.94 9.86 -10.24
C GLU A 190 -7.78 9.59 -11.17
N LYS A 191 -7.99 9.87 -12.46
CA LYS A 191 -7.05 9.56 -13.53
C LYS A 191 -6.19 10.78 -13.91
N GLU A 192 -6.52 11.91 -13.31
CA GLU A 192 -6.00 13.21 -13.66
C GLU A 192 -5.37 14.06 -12.59
N ALA A 193 -4.41 14.91 -12.90
CA ALA A 193 -3.99 15.90 -11.92
C ALA A 193 -5.14 16.89 -11.65
N PRO A 194 -5.09 17.57 -10.50
CA PRO A 194 -6.11 18.60 -10.28
C PRO A 194 -5.93 19.85 -11.17
N ASP A 195 -7.00 20.64 -11.27
CA ASP A 195 -6.98 21.85 -12.09
C ASP A 195 -6.19 23.01 -11.43
N GLY A 196 -5.21 23.51 -12.17
CA GLY A 196 -4.37 24.62 -11.72
C GLY A 196 -5.20 25.86 -11.48
N VAL A 197 -4.77 26.67 -10.53
CA VAL A 197 -5.44 27.92 -10.16
C VAL A 197 -4.39 29.03 -10.11
N ALA A 198 -4.80 30.26 -10.48
CA ALA A 198 -3.90 31.43 -10.50
C ALA A 198 -3.14 31.59 -9.18
N THR A 199 -1.81 31.46 -9.26
CA THR A 199 -0.96 31.28 -8.08
C THR A 199 -1.10 32.28 -6.95
N GLU A 200 -0.68 33.52 -7.22
CA GLU A 200 -0.14 34.48 -6.22
C GLU A 200 0.13 34.04 -4.76
N MET A 201 1.39 34.20 -4.38
CA MET A 201 1.90 33.73 -3.11
C MET A 201 1.20 34.46 -1.97
N LEU A 202 0.86 33.70 -0.93
CA LEU A 202 -0.03 34.13 0.15
C LEU A 202 0.76 34.92 1.21
N ASP A 203 0.13 35.92 1.81
CA ASP A 203 0.75 36.65 2.90
C ASP A 203 0.27 36.07 4.23
N GLU A 204 1.11 35.23 4.83
CA GLU A 204 0.82 34.59 6.12
C GLU A 204 1.57 35.31 7.23
N GLY A 205 2.16 36.45 6.87
CA GLY A 205 2.97 37.22 7.78
C GLY A 205 4.14 36.47 8.35
N LEU A 206 4.67 35.49 7.60
CA LEU A 206 5.86 34.75 8.04
C LEU A 206 7.06 35.65 7.91
N VAL A 207 7.98 35.48 8.84
CA VAL A 207 9.30 36.01 8.65
C VAL A 207 10.38 35.11 8.08
N ARG A 208 10.65 35.27 6.78
CA ARG A 208 11.55 34.38 6.03
C ARG A 208 13.02 34.70 6.17
N GLU A 209 13.76 33.87 6.90
CA GLU A 209 15.21 34.00 6.92
C GLU A 209 15.74 33.88 5.49
N ASP A 210 16.73 34.70 5.17
CA ASP A 210 17.41 34.64 3.88
C ASP A 210 18.60 33.65 3.97
N LEU A 211 18.27 32.38 3.79
CA LEU A 211 19.23 31.29 3.48
C LEU A 211 20.03 31.19 2.19
N THR A 212 19.78 32.16 1.32
CA THR A 212 20.25 32.20 -0.07
C THR A 212 21.78 32.08 -0.35
N ALA A 213 22.62 32.63 0.53
CA ALA A 213 24.09 32.48 0.41
C ALA A 213 24.55 31.04 0.60
N LEU A 214 23.84 30.30 1.45
CA LEU A 214 24.20 28.95 1.84
C LEU A 214 24.17 27.93 0.72
N ASP A 215 25.03 26.92 0.84
CA ASP A 215 25.16 25.88 -0.19
C ASP A 215 24.21 24.70 0.02
N PHE A 216 22.92 24.97 -0.17
CA PHE A 216 21.92 23.91 -0.22
C PHE A 216 22.08 23.12 -1.51
N VAL A 217 21.83 21.83 -1.41
CA VAL A 217 21.83 20.93 -2.55
C VAL A 217 20.61 20.02 -2.43
N THR A 218 20.09 19.62 -3.57
CA THR A 218 19.04 18.63 -3.65
C THR A 218 19.69 17.34 -4.13
N ILE A 219 19.16 16.20 -3.74
CA ILE A 219 19.70 14.93 -4.19
C ILE A 219 18.52 14.04 -4.49
N ASP A 220 18.20 13.91 -5.77
CA ASP A 220 17.12 13.03 -6.23
C ASP A 220 17.64 12.11 -7.31
N SER A 221 16.77 11.24 -7.81
CA SER A 221 17.09 10.50 -9.03
C SER A 221 17.27 11.46 -10.21
N ALA A 222 17.91 10.96 -11.26
CA ALA A 222 17.90 11.61 -12.58
C ALA A 222 16.71 12.35 -13.25
N SER A 223 15.58 11.66 -13.34
CA SER A 223 14.38 12.15 -14.00
C SER A 223 13.68 13.29 -13.26
N THR A 224 13.84 13.35 -11.94
CA THR A 224 13.01 14.22 -11.11
C THR A 224 13.24 15.70 -11.40
N GLU A 225 12.14 16.42 -11.57
CA GLU A 225 12.12 17.85 -11.84
C GLU A 225 11.34 18.59 -10.73
N ASP A 226 10.91 17.84 -9.73
CA ASP A 226 10.04 18.36 -8.68
C ASP A 226 10.72 18.21 -7.30
N MET A 227 11.88 18.82 -7.11
CA MET A 227 12.47 18.84 -5.78
C MET A 227 11.71 19.26 -4.57
N ASP A 228 11.36 18.29 -3.74
CA ASP A 228 10.58 18.53 -2.52
C ASP A 228 11.48 19.04 -1.42
N ASP A 229 12.74 18.63 -1.46
CA ASP A 229 13.59 18.76 -0.32
C ASP A 229 15.02 19.06 -0.69
N ALA A 230 15.68 19.52 0.36
CA ALA A 230 16.87 20.33 0.36
C ALA A 230 17.74 20.33 1.53
N LEU A 231 18.98 19.97 1.28
CA LEU A 231 20.04 19.94 2.28
C LEU A 231 21.21 20.89 2.52
N PHE A 232 21.47 21.21 3.78
CA PHE A 232 22.65 21.97 4.11
C PHE A 232 23.28 21.48 5.41
N ALA A 233 24.59 21.24 5.36
CA ALA A 233 25.31 20.78 6.54
C ALA A 233 26.36 21.80 6.97
N LYS A 234 26.72 21.76 8.25
CA LYS A 234 27.84 22.56 8.77
C LYS A 234 28.46 21.88 9.97
N ALA A 235 29.79 21.80 9.95
CA ALA A 235 30.54 21.30 11.09
C ALA A 235 30.56 22.32 12.22
N LEU A 236 30.48 21.83 13.45
CA LEU A 236 30.50 22.69 14.62
C LEU A 236 31.55 22.22 15.61
N PRO A 237 31.92 23.10 16.55
CA PRO A 237 32.69 22.72 17.73
C PRO A 237 32.13 21.50 18.48
N ASP A 238 32.97 20.93 19.35
CA ASP A 238 32.61 19.75 20.14
C ASP A 238 32.18 18.55 19.30
N ASP A 239 32.66 18.48 18.06
CA ASP A 239 32.45 17.34 17.17
C ASP A 239 30.97 17.20 16.78
N LYS A 240 30.27 18.34 16.77
CA LYS A 240 28.86 18.37 16.49
C LYS A 240 28.67 18.57 14.99
N LEU A 241 27.45 18.29 14.53
CA LEU A 241 27.07 18.57 13.16
C LEU A 241 25.72 19.26 13.14
N GLN A 242 25.60 20.21 12.23
CA GLN A 242 24.37 20.92 12.01
C GLN A 242 23.76 20.47 10.69
N LEU A 243 22.49 20.08 10.72
CA LEU A 243 21.75 19.76 9.50
C LEU A 243 20.62 20.77 9.34
N ILE A 244 20.46 21.37 8.15
CA ILE A 244 19.20 22.02 7.82
C ILE A 244 18.51 21.31 6.65
N VAL A 245 17.28 20.90 6.93
CA VAL A 245 16.36 20.35 5.95
C VAL A 245 15.40 21.44 5.55
N ALA A 246 15.43 21.79 4.26
CA ALA A 246 14.57 22.78 3.67
C ALA A 246 13.58 22.08 2.78
N ILE A 247 12.31 22.26 3.07
CA ILE A 247 11.24 21.56 2.38
C ILE A 247 10.44 22.61 1.60
N ALA A 248 10.06 22.22 0.38
CA ALA A 248 9.23 23.03 -0.50
C ALA A 248 7.96 23.51 0.18
N ASP A 249 7.40 24.56 -0.40
CA ASP A 249 6.40 25.41 0.25
C ASP A 249 4.95 25.53 -0.27
N PRO A 250 4.33 24.39 -0.64
CA PRO A 250 3.01 24.52 -1.28
C PRO A 250 1.89 25.35 -0.63
N THR A 251 1.90 25.32 0.69
CA THR A 251 0.90 25.92 1.52
C THR A 251 1.06 27.45 1.54
N ALA A 252 2.23 27.93 1.12
CA ALA A 252 2.44 29.36 0.79
C ALA A 252 1.64 29.83 -0.44
N TRP A 253 1.03 28.89 -1.16
CA TRP A 253 0.17 29.22 -2.30
C TRP A 253 -1.26 28.74 -2.07
N ILE A 254 -1.38 27.49 -1.61
CA ILE A 254 -2.65 26.85 -1.35
C ILE A 254 -3.11 27.25 0.04
N ALA A 255 -4.21 27.99 0.10
CA ALA A 255 -4.77 28.40 1.38
C ALA A 255 -5.67 27.28 1.88
N GLU A 256 -5.70 27.14 3.20
CA GLU A 256 -6.61 26.22 3.84
C GLU A 256 -8.03 26.64 3.51
N GLY A 257 -8.76 25.78 2.81
CA GLY A 257 -10.15 26.02 2.46
C GLY A 257 -10.39 26.29 0.99
N SER A 258 -9.31 26.53 0.25
CA SER A 258 -9.39 26.77 -1.20
C SER A 258 -9.81 25.53 -1.98
N LYS A 259 -10.10 25.71 -3.25
CA LYS A 259 -10.44 24.61 -4.16
C LYS A 259 -9.34 23.55 -4.22
N LEU A 260 -8.09 24.00 -4.30
CA LEU A 260 -6.93 23.09 -4.40
C LEU A 260 -6.75 22.30 -3.12
N ASP A 261 -6.77 23.02 -2.01
CA ASP A 261 -7.06 22.46 -0.70
C ASP A 261 -8.02 21.26 -0.62
N LYS A 262 -9.29 21.54 -0.93
CA LYS A 262 -10.29 20.48 -0.81
C LYS A 262 -10.08 19.40 -1.86
N ALA A 263 -9.45 19.77 -2.97
CA ALA A 263 -9.07 18.78 -3.99
C ALA A 263 -7.94 17.89 -3.49
N ALA A 264 -6.92 18.48 -2.89
CA ALA A 264 -5.76 17.74 -2.36
C ALA A 264 -6.13 16.81 -1.21
N LYS A 265 -7.10 17.26 -0.40
CA LYS A 265 -7.57 16.53 0.79
C LYS A 265 -8.33 15.28 0.41
N ILE A 266 -9.19 15.38 -0.59
CA ILE A 266 -9.85 14.21 -1.15
C ILE A 266 -8.84 13.16 -1.64
N ARG A 267 -7.84 13.61 -2.40
CA ARG A 267 -6.82 12.68 -2.95
C ARG A 267 -5.87 12.09 -1.92
N ALA A 268 -5.57 12.85 -0.87
CA ALA A 268 -4.58 12.43 0.16
C ALA A 268 -3.08 12.22 -0.11
N PHE A 269 -2.82 11.62 -1.28
CA PHE A 269 -1.50 11.19 -1.72
C PHE A 269 -1.49 11.21 -3.25
N THR A 270 -0.36 11.57 -3.83
CA THR A 270 -0.10 11.22 -5.20
C THR A 270 -0.19 9.70 -5.33
N ASN A 271 -0.92 9.20 -6.36
CA ASN A 271 -1.02 7.74 -6.63
C ASN A 271 0.05 7.42 -7.65
N TYR A 272 1.06 6.70 -7.19
CA TYR A 272 2.14 6.18 -7.97
C TYR A 272 1.86 4.78 -8.46
N LEU A 273 1.82 4.65 -9.78
CA LEU A 273 1.51 3.41 -10.45
C LEU A 273 2.71 3.12 -11.34
N PRO A 274 2.93 1.85 -11.70
CA PRO A 274 3.96 1.59 -12.69
C PRO A 274 3.78 2.46 -13.95
N GLY A 275 4.79 3.30 -14.23
CA GLY A 275 4.88 4.09 -15.45
C GLY A 275 4.00 5.33 -15.51
N PHE A 276 3.32 5.61 -14.39
CA PHE A 276 2.22 6.57 -14.37
C PHE A 276 1.81 7.02 -12.98
N ASN A 277 1.97 8.30 -12.68
CA ASN A 277 1.43 8.89 -11.44
C ASN A 277 0.29 9.88 -11.71
N ILE A 278 -0.62 9.95 -10.75
CA ILE A 278 -1.68 10.96 -10.70
C ILE A 278 -1.38 11.86 -9.50
N PRO A 279 -0.89 13.09 -9.77
CA PRO A 279 -0.51 14.00 -8.70
C PRO A 279 -1.66 14.54 -7.85
N MET A 280 -1.33 14.83 -6.59
CA MET A 280 -2.23 15.44 -5.61
C MET A 280 -2.50 16.92 -5.90
N LEU A 281 -1.49 17.57 -6.49
CA LEU A 281 -1.50 19.01 -6.73
C LEU A 281 -1.31 19.26 -8.21
N PRO A 282 -1.73 20.44 -8.69
CA PRO A 282 -1.40 20.75 -10.10
C PRO A 282 0.11 20.72 -10.39
N ARG A 283 0.49 20.17 -11.54
CA ARG A 283 1.85 20.36 -12.11
C ARG A 283 2.70 21.63 -12.15
N GLU A 284 2.10 22.74 -12.56
CA GLU A 284 2.73 24.04 -12.45
C GLU A 284 3.27 24.30 -11.04
N LEU A 285 2.50 23.93 -10.03
CA LEU A 285 2.91 24.12 -8.65
C LEU A 285 4.07 23.17 -8.32
N SER A 286 3.79 21.87 -8.34
CA SER A 286 4.84 20.85 -8.26
C SER A 286 6.15 20.91 -9.04
N ASP A 287 5.99 20.94 -10.36
CA ASP A 287 7.06 21.09 -11.33
C ASP A 287 7.95 22.31 -11.42
N ASP A 288 7.39 23.41 -10.94
CA ASP A 288 7.90 24.74 -11.18
C ASP A 288 7.96 25.55 -9.88
N LEU A 289 6.82 26.15 -9.50
CA LEU A 289 6.78 27.20 -8.46
C LEU A 289 7.33 26.77 -7.11
N CYS A 290 6.99 25.55 -6.69
CA CYS A 290 7.43 25.00 -5.42
C CYS A 290 8.79 24.31 -5.49
N SER A 291 9.01 23.59 -6.59
CA SER A 291 10.23 22.80 -6.81
C SER A 291 11.52 23.58 -6.53
N LEU A 292 12.44 22.93 -5.84
CA LEU A 292 13.69 23.55 -5.45
C LEU A 292 14.71 23.37 -6.56
N ARG A 293 14.47 24.07 -7.67
CA ARG A 293 15.31 24.01 -8.85
C ARG A 293 16.63 24.73 -8.60
N ALA A 294 17.73 24.18 -9.12
CA ALA A 294 19.05 24.73 -8.89
C ALA A 294 19.19 26.18 -9.37
N ASN A 295 19.91 26.98 -8.58
CA ASN A 295 20.12 28.40 -8.86
C ASN A 295 18.84 29.25 -9.00
N GLU A 296 17.74 28.80 -8.39
CA GLU A 296 16.50 29.59 -8.31
C GLU A 296 16.18 29.85 -6.85
N VAL A 297 15.53 30.98 -6.59
CA VAL A 297 15.15 31.40 -5.24
C VAL A 297 13.80 30.78 -4.92
N ARG A 298 13.69 30.10 -3.78
CA ARG A 298 12.45 29.43 -3.44
C ARG A 298 12.11 29.69 -1.98
N PRO A 299 10.84 29.90 -1.66
CA PRO A 299 10.42 29.91 -0.25
C PRO A 299 10.53 28.50 0.30
N VAL A 300 10.83 28.36 1.58
CA VAL A 300 10.89 27.03 2.17
C VAL A 300 10.42 27.01 3.62
N LEU A 301 10.00 25.82 4.06
CA LEU A 301 9.84 25.56 5.47
C LEU A 301 11.11 24.81 5.88
N ALA A 302 11.83 25.37 6.84
CA ALA A 302 13.11 24.83 7.22
C ALA A 302 13.15 24.31 8.66
N CYS A 303 14.09 23.40 8.88
CA CYS A 303 14.35 22.84 10.19
C CYS A 303 15.85 22.73 10.37
N ARG A 304 16.39 23.46 11.35
CA ARG A 304 17.79 23.38 11.70
C ARG A 304 17.93 22.55 12.99
N MET A 305 18.69 21.48 12.85
CA MET A 305 18.90 20.55 13.93
C MET A 305 20.41 20.43 14.17
N THR A 306 20.76 20.10 15.42
CA THR A 306 22.15 19.92 15.81
C THR A 306 22.32 18.49 16.29
N LEU A 307 23.29 17.79 15.72
CA LEU A 307 23.53 16.38 16.04
C LEU A 307 24.79 16.18 16.90
N SER A 308 24.65 15.37 17.95
CA SER A 308 25.79 14.93 18.74
C SER A 308 26.73 14.05 17.93
N ALA A 309 27.94 13.85 18.45
CA ALA A 309 28.86 12.84 17.88
C ALA A 309 28.16 11.49 17.86
N ASP A 310 27.30 11.29 18.83
CA ASP A 310 26.39 10.15 18.95
C ASP A 310 25.46 9.92 17.76
N GLY A 311 25.17 10.97 17.01
CA GLY A 311 24.05 11.00 16.06
C GLY A 311 22.75 11.51 16.67
N THR A 312 22.77 11.80 17.98
CA THR A 312 21.60 12.20 18.74
C THR A 312 21.11 13.55 18.25
N ILE A 313 19.80 13.67 18.04
CA ILE A 313 19.21 14.95 17.68
C ILE A 313 19.01 15.75 18.97
N GLU A 314 19.73 16.86 19.07
CA GLU A 314 19.74 17.62 20.29
C GLU A 314 18.44 18.45 20.42
N ASP A 315 18.16 18.98 21.60
CA ASP A 315 16.91 19.68 21.87
C ASP A 315 16.86 21.06 21.24
N ASN A 316 18.02 21.53 20.83
CA ASN A 316 18.27 22.64 19.89
C ASN A 316 17.34 22.89 18.64
N ILE A 317 16.18 22.25 18.53
CA ILE A 317 15.44 22.24 17.26
C ILE A 317 14.79 23.57 16.87
N GLU A 318 15.16 24.09 15.70
CA GLU A 318 14.60 25.36 15.20
C GLU A 318 13.88 25.18 13.87
N PHE A 319 12.55 25.27 13.91
CA PHE A 319 11.71 25.46 12.71
C PHE A 319 11.53 26.95 12.38
N PHE A 320 11.58 27.28 11.08
CA PHE A 320 11.39 28.65 10.62
C PHE A 320 11.15 28.68 9.11
N ALA A 321 10.43 29.72 8.66
CA ALA A 321 10.25 30.00 7.25
C ALA A 321 11.54 30.62 6.70
N ALA A 322 11.80 30.35 5.43
CA ALA A 322 13.01 30.85 4.81
C ALA A 322 12.88 30.93 3.30
N THR A 323 13.93 31.41 2.67
CA THR A 323 14.11 31.27 1.24
C THR A 323 15.55 30.78 1.04
N ILE A 324 15.70 29.78 0.16
CA ILE A 324 17.02 29.26 -0.20
C ILE A 324 17.29 29.42 -1.69
N GLU A 325 18.51 29.08 -2.06
CA GLU A 325 18.81 28.91 -3.47
C GLU A 325 19.70 27.68 -3.62
N SER A 326 19.08 26.59 -4.06
CA SER A 326 19.77 25.35 -4.31
C SER A 326 21.02 25.66 -5.13
N LYS A 327 22.13 25.15 -4.63
CA LYS A 327 23.37 25.21 -5.35
C LYS A 327 23.71 24.19 -6.41
N ALA A 328 23.04 23.03 -6.35
CA ALA A 328 23.50 21.87 -7.08
C ALA A 328 22.26 20.94 -7.03
N LYS A 329 21.75 20.65 -8.22
CA LYS A 329 20.76 19.59 -8.44
C LYS A 329 21.54 18.27 -8.60
N LEU A 330 21.64 17.52 -7.51
CA LEU A 330 22.43 16.30 -7.47
C LEU A 330 21.60 15.07 -7.78
N VAL A 331 22.26 14.05 -8.31
CA VAL A 331 21.64 12.78 -8.67
C VAL A 331 22.26 11.68 -7.82
N TYR A 332 21.43 10.76 -7.34
CA TYR A 332 21.86 9.72 -6.38
C TYR A 332 23.08 8.91 -6.80
N ASP A 333 22.95 8.22 -7.94
CA ASP A 333 24.00 7.33 -8.46
C ASP A 333 25.35 8.02 -8.61
N GLN A 334 25.32 9.22 -9.19
CA GLN A 334 26.52 10.03 -9.37
C GLN A 334 27.17 10.32 -8.04
N VAL A 335 26.34 10.72 -7.06
CA VAL A 335 26.81 11.03 -5.70
C VAL A 335 27.34 9.77 -5.02
N SER A 336 26.66 8.65 -5.23
CA SER A 336 27.13 7.39 -4.67
C SER A 336 28.46 6.99 -5.27
N ASP A 337 28.65 7.24 -6.57
CA ASP A 337 29.88 6.94 -7.26
C ASP A 337 31.07 7.77 -6.75
N TRP A 338 30.93 9.10 -6.80
CA TRP A 338 31.98 10.04 -6.33
C TRP A 338 32.49 9.67 -4.94
N LEU A 339 31.59 9.16 -4.11
CA LEU A 339 31.85 8.92 -2.71
C LEU A 339 32.63 7.61 -2.56
N GLU A 340 32.40 6.68 -3.48
CA GLU A 340 33.12 5.42 -3.50
C GLU A 340 34.35 5.47 -4.45
N ASN A 341 34.73 6.69 -4.83
CA ASN A 341 35.83 6.94 -5.76
C ASN A 341 35.71 6.17 -7.07
N THR A 342 34.47 5.84 -7.43
CA THR A 342 34.22 5.14 -8.67
C THR A 342 33.49 6.10 -9.60
N GLY A 343 33.29 5.69 -10.86
CA GLY A 343 32.64 6.54 -11.83
C GLY A 343 33.43 7.78 -12.19
N ASP A 344 32.82 8.63 -13.01
CA ASP A 344 33.47 9.80 -13.59
C ASP A 344 33.18 11.11 -12.90
N TRP A 345 31.97 11.23 -12.32
CA TRP A 345 31.41 12.52 -11.90
C TRP A 345 32.03 13.11 -10.61
N GLN A 346 32.50 14.35 -10.69
CA GLN A 346 32.89 15.18 -9.53
C GLN A 346 31.89 16.30 -9.26
N PRO A 347 31.77 16.72 -7.99
CA PRO A 347 31.11 17.98 -7.65
C PRO A 347 31.69 19.20 -8.38
N GLU A 348 30.80 20.12 -8.77
CA GLU A 348 31.13 21.30 -9.56
C GLU A 348 32.12 22.23 -8.85
N SER A 349 32.23 22.09 -7.53
CA SER A 349 33.13 22.93 -6.73
C SER A 349 33.50 22.26 -5.40
N GLU A 350 34.43 22.88 -4.68
CA GLU A 350 34.86 22.40 -3.38
C GLU A 350 33.69 22.53 -2.39
N ALA A 351 32.98 23.66 -2.49
CA ALA A 351 31.80 23.95 -1.69
C ALA A 351 30.81 22.78 -1.70
N ILE A 352 30.51 22.26 -2.90
CA ILE A 352 29.56 21.17 -3.04
C ILE A 352 30.13 19.87 -2.51
N ALA A 353 31.36 19.55 -2.88
CA ALA A 353 32.08 18.39 -2.34
C ALA A 353 31.95 18.31 -0.81
N GLU A 354 32.23 19.43 -0.15
CA GLU A 354 32.22 19.49 1.30
C GLU A 354 30.81 19.24 1.84
N GLN A 355 29.79 19.83 1.21
CA GLN A 355 28.39 19.55 1.56
C GLN A 355 28.07 18.07 1.48
N VAL A 356 28.51 17.42 0.39
CA VAL A 356 28.31 15.97 0.22
C VAL A 356 29.01 15.16 1.31
N ARG A 357 30.22 15.57 1.66
CA ARG A 357 31.03 14.85 2.62
C ARG A 357 30.47 14.91 4.03
N LEU A 358 30.13 16.14 4.44
CA LEU A 358 29.41 16.44 5.67
C LEU A 358 28.10 15.69 5.81
N LEU A 359 27.34 15.66 4.71
CA LEU A 359 26.07 14.94 4.65
C LEU A 359 26.24 13.41 4.79
N ALA A 360 27.31 12.87 4.22
CA ALA A 360 27.63 11.46 4.37
C ALA A 360 28.04 11.15 5.79
N GLN A 361 28.66 12.12 6.43
CA GLN A 361 29.05 11.97 7.82
C GLN A 361 27.80 11.93 8.74
N ILE A 362 26.89 12.88 8.53
CA ILE A 362 25.59 12.88 9.19
C ILE A 362 24.89 11.51 9.02
N CYS A 363 24.82 11.03 7.79
CA CYS A 363 24.17 9.77 7.50
C CYS A 363 24.74 8.63 8.35
N GLN A 364 26.07 8.61 8.47
CA GLN A 364 26.80 7.61 9.23
C GLN A 364 26.45 7.62 10.72
N ARG A 365 26.46 8.80 11.34
CA ARG A 365 26.08 8.95 12.76
C ARG A 365 24.59 8.60 13.04
N ARG A 366 23.71 9.03 12.16
CA ARG A 366 22.29 8.71 12.30
C ARG A 366 22.02 7.21 12.13
N GLY A 367 22.60 6.61 11.09
CA GLY A 367 22.50 5.17 10.87
C GLY A 367 22.86 4.44 12.16
N GLU A 368 24.06 4.74 12.67
CA GLU A 368 24.56 4.21 13.95
C GLU A 368 23.58 4.44 15.08
N TRP A 369 23.05 5.65 15.19
CA TRP A 369 22.16 5.97 16.27
C TRP A 369 20.92 5.08 16.23
N ARG A 370 20.34 4.93 15.04
CA ARG A 370 19.10 4.15 14.86
C ARG A 370 19.37 2.67 15.05
N HIS A 371 20.45 2.21 14.48
CA HIS A 371 21.08 0.98 14.95
C HIS A 371 21.05 0.66 16.47
N ASN A 372 21.55 1.61 17.25
CA ASN A 372 21.72 1.46 18.67
C ASN A 372 20.46 1.72 19.45
N HIS A 373 19.67 2.72 19.01
CA HIS A 373 18.54 3.21 19.83
C HIS A 373 17.16 3.06 19.22
N ALA A 374 17.08 2.53 18.00
CA ALA A 374 15.81 2.35 17.34
C ALA A 374 15.85 1.07 16.49
N LEU A 375 15.24 1.09 15.31
CA LEU A 375 15.28 -0.08 14.41
C LEU A 375 15.49 0.37 12.99
N VAL A 376 16.35 -0.36 12.29
CA VAL A 376 16.65 -0.05 10.90
C VAL A 376 16.04 -1.16 10.06
N PHE A 377 15.17 -0.78 9.12
CA PHE A 377 14.47 -1.80 8.38
C PHE A 377 15.42 -2.54 7.42
N LYS A 378 15.21 -3.85 7.30
CA LYS A 378 16.02 -4.65 6.41
C LYS A 378 15.64 -4.43 4.94
N ASP A 379 16.62 -3.93 4.18
CA ASP A 379 16.53 -3.87 2.72
C ASP A 379 15.67 -4.80 1.90
N ARG A 380 14.62 -4.21 1.35
CA ARG A 380 13.60 -4.92 0.62
C ARG A 380 13.77 -4.48 -0.81
N PRO A 381 14.01 -5.43 -1.73
CA PRO A 381 14.22 -4.96 -3.08
C PRO A 381 12.99 -4.19 -3.56
N ASP A 382 13.25 -3.06 -4.22
CA ASP A 382 12.19 -2.24 -4.79
C ASP A 382 12.27 -2.45 -6.28
N TYR A 383 11.23 -3.09 -6.83
CA TYR A 383 11.19 -3.45 -8.24
C TYR A 383 10.53 -2.37 -9.07
N ARG A 384 11.20 -1.98 -10.15
CA ARG A 384 10.68 -1.00 -11.07
C ARG A 384 10.41 -1.68 -12.41
N PHE A 385 9.23 -1.44 -12.97
CA PHE A 385 8.91 -1.92 -14.30
C PHE A 385 9.49 -0.96 -15.33
N ILE A 386 10.19 -1.51 -16.31
CA ILE A 386 10.66 -0.72 -17.43
C ILE A 386 9.70 -0.97 -18.61
N LEU A 387 8.94 0.08 -18.96
CA LEU A 387 7.88 -0.06 -19.91
C LEU A 387 8.23 0.58 -21.24
N GLY A 388 7.61 0.07 -22.30
CA GLY A 388 7.64 0.70 -23.61
C GLY A 388 6.37 1.53 -23.82
N GLU A 389 6.29 2.06 -25.04
CA GLU A 389 5.23 2.93 -25.51
C GLU A 389 3.83 2.33 -25.49
N LYS A 390 3.70 1.02 -25.71
CA LYS A 390 2.37 0.33 -25.67
C LYS A 390 2.12 -0.37 -24.34
N GLY A 391 2.88 0.08 -23.34
CA GLY A 391 2.86 -0.46 -22.01
C GLY A 391 3.30 -1.89 -21.88
N GLU A 392 4.23 -2.29 -22.77
N GLU A 392 4.16 -2.40 -22.76
CA GLU A 392 4.86 -3.61 -22.69
CA GLU A 392 4.60 -3.73 -22.44
C GLU A 392 5.91 -3.59 -21.62
C GLU A 392 5.93 -3.66 -21.74
N VAL A 393 6.23 -4.76 -21.08
CA VAL A 393 7.32 -4.89 -20.18
C VAL A 393 8.63 -5.26 -20.80
N LEU A 394 9.52 -4.28 -20.82
CA LEU A 394 10.90 -4.50 -21.15
C LEU A 394 11.73 -5.35 -20.20
N ASP A 395 11.59 -4.98 -18.93
CA ASP A 395 12.23 -5.65 -17.86
C ASP A 395 11.64 -5.11 -16.57
N ILE A 396 11.89 -5.85 -15.50
CA ILE A 396 11.59 -5.42 -14.17
C ILE A 396 12.89 -5.55 -13.41
N VAL A 397 13.37 -4.41 -12.91
CA VAL A 397 14.64 -4.34 -12.22
C VAL A 397 14.49 -3.88 -10.75
N ALA A 398 14.96 -4.72 -9.84
CA ALA A 398 15.35 -4.23 -8.52
C ALA A 398 16.41 -3.18 -8.29
N GLU A 399 16.01 -1.91 -8.25
CA GLU A 399 16.94 -0.81 -8.00
C GLU A 399 17.52 -0.92 -6.56
N PRO A 400 18.84 -1.26 -6.43
CA PRO A 400 19.40 -1.40 -5.09
C PRO A 400 19.76 -0.06 -4.45
N ARG A 401 19.89 -0.08 -3.13
CA ARG A 401 20.10 1.15 -2.37
C ARG A 401 21.57 1.39 -2.08
N ARG A 402 22.01 2.63 -2.28
CA ARG A 402 23.42 3.03 -2.07
C ARG A 402 23.47 4.23 -1.12
N ILE A 403 24.65 4.55 -0.60
CA ILE A 403 24.80 5.67 0.37
C ILE A 403 24.00 6.94 0.09
N ALA A 404 23.91 7.36 -1.17
CA ALA A 404 23.29 8.65 -1.47
C ALA A 404 21.82 8.58 -1.12
N ASN A 405 21.25 7.39 -1.31
CA ASN A 405 19.87 7.10 -0.98
C ASN A 405 19.67 7.16 0.53
N ARG A 406 20.57 6.48 1.24
CA ARG A 406 20.60 6.48 2.69
C ARG A 406 20.87 7.90 3.26
N ILE A 407 21.73 8.66 2.61
CA ILE A 407 21.99 10.04 3.03
C ILE A 407 20.68 10.83 3.12
N VAL A 408 19.84 10.69 2.11
CA VAL A 408 18.58 11.40 2.06
C VAL A 408 17.61 10.85 3.10
N GLU A 409 17.46 9.54 3.13
CA GLU A 409 16.57 8.89 4.05
C GLU A 409 16.89 9.30 5.50
N GLU A 410 18.12 9.11 5.94
CA GLU A 410 18.54 9.54 7.30
C GLU A 410 18.21 11.01 7.63
N ALA A 411 18.36 11.90 6.65
CA ALA A 411 18.03 13.31 6.86
C ALA A 411 16.52 13.49 6.96
N MET A 412 15.77 12.80 6.11
CA MET A 412 14.31 12.91 6.13
C MET A 412 13.75 12.35 7.45
N ILE A 413 14.28 11.22 7.88
CA ILE A 413 13.86 10.65 9.15
C ILE A 413 14.17 11.60 10.30
N ALA A 414 15.38 12.14 10.37
CA ALA A 414 15.72 13.08 11.46
C ALA A 414 14.79 14.28 11.44
N ALA A 415 14.58 14.86 10.25
CA ALA A 415 13.62 15.96 10.09
C ALA A 415 12.20 15.60 10.58
N ASN A 416 11.75 14.40 10.31
CA ASN A 416 10.39 14.06 10.64
C ASN A 416 10.25 13.80 12.13
N ILE A 417 11.32 13.30 12.73
CA ILE A 417 11.40 13.14 14.17
C ILE A 417 11.31 14.51 14.84
N CYS A 418 12.04 15.48 14.27
CA CYS A 418 12.04 16.85 14.76
C CYS A 418 10.65 17.45 14.81
N ALA A 419 9.88 17.24 13.75
CA ALA A 419 8.52 17.77 13.66
C ALA A 419 7.57 17.11 14.69
N ALA A 420 7.69 15.81 14.83
CA ALA A 420 6.97 15.06 15.83
C ALA A 420 7.16 15.61 17.26
N ARG A 421 8.41 15.91 17.62
CA ARG A 421 8.72 16.42 18.94
C ARG A 421 8.12 17.79 19.16
N VAL A 422 8.33 18.68 18.21
CA VAL A 422 7.87 20.06 18.31
C VAL A 422 6.34 20.14 18.26
N LEU A 423 5.69 19.41 17.35
CA LEU A 423 4.23 19.40 17.35
C LEU A 423 3.65 18.80 18.65
N ARG A 424 4.30 17.76 19.16
CA ARG A 424 3.90 17.18 20.43
C ARG A 424 4.05 18.21 21.54
N ASP A 425 5.25 18.79 21.63
CA ASP A 425 5.52 19.85 22.58
C ASP A 425 4.69 21.14 22.54
N LYS A 426 4.68 21.80 21.38
CA LYS A 426 4.10 23.09 21.21
C LYS A 426 2.60 23.03 20.96
N LEU A 427 2.16 21.99 20.26
CA LEU A 427 0.73 21.71 20.04
C LEU A 427 -0.06 20.70 20.88
N GLY A 428 0.50 19.48 20.96
CA GLY A 428 -0.18 18.34 21.53
C GLY A 428 -0.83 17.48 20.48
N PHE A 429 -0.73 17.92 19.23
CA PHE A 429 -1.32 17.20 18.10
C PHE A 429 -0.58 17.48 16.78
N GLY A 430 -0.95 16.71 15.76
CA GLY A 430 -0.33 16.77 14.43
C GLY A 430 -0.83 15.60 13.61
N ILE A 431 -0.39 15.46 12.36
CA ILE A 431 -0.63 14.22 11.62
C ILE A 431 0.56 13.31 11.87
N TYR A 432 0.32 12.33 12.75
CA TYR A 432 1.34 11.40 13.22
C TYR A 432 1.16 10.02 12.63
N ASN A 433 2.29 9.37 12.39
CA ASN A 433 2.33 7.97 11.99
C ASN A 433 2.62 7.11 13.19
N VAL A 434 1.70 6.18 13.36
CA VAL A 434 1.44 5.48 14.58
C VAL A 434 1.57 3.94 14.56
N HIS A 435 2.33 3.38 15.49
CA HIS A 435 2.56 1.93 15.50
C HIS A 435 2.59 1.34 16.89
N MET A 436 1.51 0.66 17.29
CA MET A 436 1.26 0.39 18.73
C MET A 436 2.01 -0.81 19.26
N GLY A 437 2.63 -1.57 18.36
CA GLY A 437 3.31 -2.80 18.73
C GLY A 437 2.29 -3.93 18.77
N PHE A 438 2.66 -5.01 19.45
CA PHE A 438 1.74 -6.14 19.64
C PHE A 438 0.61 -5.73 20.61
N ASP A 439 -0.62 -6.10 20.28
CA ASP A 439 -1.74 -5.76 21.17
C ASP A 439 -1.67 -6.65 22.43
N PRO A 440 -1.85 -6.05 23.63
CA PRO A 440 -1.82 -6.79 24.91
C PRO A 440 -2.55 -8.13 24.94
N ALA A 441 -3.70 -8.21 24.25
CA ALA A 441 -4.53 -9.43 24.24
C ALA A 441 -3.92 -10.59 23.45
N ASN A 442 -2.82 -10.33 22.75
CA ASN A 442 -2.10 -11.32 21.97
C ASN A 442 -0.68 -11.59 22.48
N ALA A 443 -0.29 -10.98 23.59
CA ALA A 443 1.11 -11.06 24.05
C ALA A 443 1.49 -12.44 24.57
N ASP A 444 0.55 -13.11 25.23
CA ASP A 444 0.79 -14.44 25.81
C ASP A 444 0.96 -15.47 24.71
N ALA A 445 0.01 -15.50 23.79
CA ALA A 445 0.06 -16.36 22.61
C ALA A 445 1.40 -16.15 21.91
N LEU A 446 1.78 -14.89 21.79
CA LEU A 446 3.10 -14.57 21.32
C LEU A 446 4.33 -15.24 21.89
N ALA A 447 4.42 -15.15 23.22
CA ALA A 447 5.55 -15.66 23.97
C ALA A 447 5.54 -17.18 23.90
N ALA A 448 4.34 -17.76 23.97
CA ALA A 448 4.19 -19.21 23.90
C ALA A 448 4.67 -19.78 22.55
N LEU A 449 4.28 -19.12 21.46
CA LEU A 449 4.71 -19.54 20.14
C LEU A 449 6.23 -19.43 20.01
N LEU A 450 6.81 -18.35 20.51
CA LEU A 450 8.26 -18.20 20.47
C LEU A 450 8.99 -19.29 21.25
N LYS A 451 8.52 -19.58 22.46
CA LYS A 451 9.00 -20.74 23.25
C LYS A 451 9.03 -22.00 22.41
N THR A 452 7.89 -22.39 21.85
CA THR A 452 7.82 -23.62 21.06
C THR A 452 8.93 -23.65 19.99
N HIS A 453 9.36 -22.48 19.53
CA HIS A 453 10.47 -22.36 18.56
C HIS A 453 11.82 -22.06 19.21
N GLY A 454 11.83 -21.99 20.54
CA GLY A 454 13.06 -21.91 21.32
C GLY A 454 13.58 -20.50 21.53
N LEU A 455 12.74 -19.49 21.32
CA LEU A 455 13.16 -18.13 21.55
C LEU A 455 12.50 -17.61 22.79
N HIS A 456 13.32 -17.13 23.72
CA HIS A 456 12.82 -16.56 24.96
C HIS A 456 12.38 -15.15 24.65
N VAL A 457 11.13 -14.84 24.96
CA VAL A 457 10.74 -13.45 25.27
C VAL A 457 9.68 -13.39 26.36
N ASP A 458 9.60 -12.20 26.96
CA ASP A 458 8.74 -11.95 28.09
C ASP A 458 7.44 -11.35 27.59
N ALA A 459 6.33 -11.88 28.06
CA ALA A 459 5.02 -11.32 27.73
C ALA A 459 4.59 -9.88 27.97
N GLU A 460 5.30 -9.20 28.86
CA GLU A 460 5.04 -7.81 29.17
C GLU A 460 6.17 -6.86 28.75
N GLU A 461 7.41 -7.36 28.68
CA GLU A 461 8.50 -6.56 28.10
C GLU A 461 8.28 -6.28 26.58
N VAL A 462 7.80 -7.27 25.84
CA VAL A 462 7.57 -7.08 24.40
C VAL A 462 6.52 -5.97 24.07
N LEU A 463 5.76 -5.56 25.10
CA LEU A 463 4.77 -4.47 24.99
C LEU A 463 5.39 -3.11 25.24
N THR A 464 6.63 -3.09 25.72
CA THR A 464 7.43 -1.85 25.80
C THR A 464 8.25 -1.65 24.53
N LEU A 465 8.40 -0.40 24.13
CA LEU A 465 9.21 -0.03 22.96
C LEU A 465 10.55 -0.76 23.00
N ASP A 466 11.17 -0.74 24.17
CA ASP A 466 12.49 -1.31 24.31
C ASP A 466 12.53 -2.81 24.03
N GLY A 467 11.57 -3.56 24.57
CA GLY A 467 11.48 -5.00 24.40
C GLY A 467 11.06 -5.40 23.00
N PHE A 468 10.16 -4.61 22.40
CA PHE A 468 9.79 -4.79 21.00
C PHE A 468 11.03 -4.71 20.10
N CYS A 469 11.88 -3.71 20.35
CA CYS A 469 13.11 -3.56 19.59
C CYS A 469 14.11 -4.72 19.79
N LYS A 470 14.17 -5.25 21.00
CA LYS A 470 15.11 -6.34 21.30
C LYS A 470 14.70 -7.65 20.60
N LEU A 471 13.40 -7.94 20.59
CA LEU A 471 12.85 -9.04 19.82
C LEU A 471 13.12 -8.88 18.31
N ARG A 472 12.76 -7.73 17.76
CA ARG A 472 13.00 -7.43 16.35
C ARG A 472 14.48 -7.64 15.98
N ARG A 473 15.38 -7.15 16.83
CA ARG A 473 16.82 -7.21 16.57
C ARG A 473 17.35 -8.62 16.39
N GLU A 474 16.99 -9.48 17.33
CA GLU A 474 17.46 -10.84 17.33
C GLU A 474 16.70 -11.70 16.31
N LEU A 475 15.46 -11.32 16.04
CA LEU A 475 14.69 -11.90 14.95
C LEU A 475 15.38 -11.53 13.62
N ASP A 476 15.96 -10.18 13.50
CA ASP A 476 16.69 -9.96 12.26
C ASP A 476 18.10 -10.53 12.35
N ALA A 477 18.72 -11.02 13.36
CA ALA A 477 19.97 -11.76 13.40
C ALA A 477 19.77 -13.23 13.10
N GLN A 478 18.52 -13.67 13.13
CA GLN A 478 18.17 -14.94 12.46
C GLN A 478 18.77 -15.27 11.11
N PRO A 479 19.36 -16.48 10.98
CA PRO A 479 19.92 -16.85 9.68
C PRO A 479 18.90 -16.93 8.56
N THR A 480 17.63 -17.19 8.93
CA THR A 480 16.50 -17.14 7.97
C THR A 480 15.32 -16.41 8.61
N GLY A 481 14.30 -16.14 7.78
CA GLY A 481 13.11 -15.38 8.20
C GLY A 481 11.97 -16.22 8.77
N PHE A 482 12.14 -17.53 8.80
CA PHE A 482 11.16 -18.42 9.40
C PHE A 482 10.34 -18.04 10.66
N LEU A 483 11.05 -17.68 11.71
CA LEU A 483 10.46 -17.48 13.02
C LEU A 483 9.70 -16.16 13.00
N ASP A 484 10.36 -15.14 12.47
CA ASP A 484 9.69 -14.06 11.79
C ASP A 484 8.30 -14.22 11.16
N SER A 485 8.30 -14.96 10.05
CA SER A 485 7.13 -15.53 9.44
C SER A 485 6.07 -16.10 10.42
N ARG A 486 6.51 -16.76 11.48
CA ARG A 486 5.62 -17.44 12.41
C ARG A 486 4.77 -16.45 13.19
N ILE A 487 5.30 -15.24 13.40
CA ILE A 487 4.57 -14.25 14.15
C ILE A 487 3.99 -13.12 13.31
N ARG A 488 3.93 -13.26 11.98
CA ARG A 488 3.27 -12.25 11.16
C ARG A 488 1.86 -12.04 11.67
N ARG A 489 1.18 -13.14 11.95
CA ARG A 489 -0.20 -13.16 12.44
C ARG A 489 -0.43 -12.25 13.69
N PHE A 490 0.64 -11.93 14.42
CA PHE A 490 0.52 -11.10 15.61
C PHE A 490 0.86 -9.63 15.38
N GLN A 491 1.38 -9.32 14.19
CA GLN A 491 1.91 -8.00 13.92
C GLN A 491 0.77 -7.05 13.72
N SER A 492 0.83 -5.94 14.44
CA SER A 492 0.09 -4.75 14.04
C SER A 492 0.52 -3.95 12.84
N PHE A 493 -0.39 -3.17 12.27
CA PHE A 493 -0.02 -2.32 11.16
C PHE A 493 0.08 -0.89 11.62
N ALA A 494 1.04 -0.19 11.03
CA ALA A 494 0.96 1.25 10.90
C ALA A 494 -0.31 2.06 10.74
N GLU A 495 -0.55 2.90 11.73
CA GLU A 495 -1.62 3.88 11.69
C GLU A 495 -1.39 5.38 11.40
N ILE A 496 -2.48 6.05 11.08
CA ILE A 496 -2.60 7.52 11.08
C ILE A 496 -3.36 8.16 12.21
N SER A 497 -2.70 8.92 13.09
CA SER A 497 -3.38 9.55 14.23
C SER A 497 -3.17 11.07 14.30
N THR A 498 -4.09 11.83 14.90
CA THR A 498 -3.81 13.24 15.31
C THR A 498 -3.14 13.31 16.68
N GLU A 499 -3.08 12.17 17.38
CA GLU A 499 -2.52 12.11 18.71
C GLU A 499 -1.05 11.68 18.60
N PRO A 500 -0.13 12.44 19.24
CA PRO A 500 1.24 11.94 19.33
C PRO A 500 1.25 10.53 19.95
N GLY A 501 2.19 9.70 19.52
CA GLY A 501 2.19 8.29 19.90
C GLY A 501 3.42 7.57 19.38
N PRO A 502 3.78 6.44 20.02
CA PRO A 502 5.01 5.76 19.62
C PRO A 502 4.87 5.09 18.25
N HIS A 503 6.00 4.90 17.58
CA HIS A 503 6.04 4.05 16.38
C HIS A 503 6.98 2.86 16.64
N PHE A 504 6.36 1.73 16.98
CA PHE A 504 7.09 0.52 17.34
C PHE A 504 7.87 -0.07 16.16
N GLY A 505 7.29 -0.02 14.95
CA GLY A 505 7.96 -0.45 13.72
C GLY A 505 9.30 0.24 13.48
N LEU A 506 9.34 1.55 13.68
CA LEU A 506 10.54 2.34 13.46
C LEU A 506 11.39 2.38 14.72
N GLY A 507 10.83 1.87 15.81
CA GLY A 507 11.51 1.81 17.09
C GLY A 507 11.65 3.17 17.73
N LEU A 508 10.64 4.03 17.50
CA LEU A 508 10.67 5.46 17.80
C LEU A 508 9.51 5.90 18.68
N GLU A 509 9.77 6.82 19.62
CA GLU A 509 8.75 7.38 20.55
C GLU A 509 7.72 8.19 19.80
N ALA A 510 8.18 8.79 18.72
CA ALA A 510 7.37 9.62 17.86
C ALA A 510 7.76 9.81 16.41
N TYR A 511 6.84 10.41 15.62
CA TYR A 511 6.78 10.15 14.15
C TYR A 511 5.68 10.82 13.36
N ALA A 512 6.08 11.88 12.67
CA ALA A 512 5.17 12.67 11.89
C ALA A 512 5.96 13.21 10.73
N THR A 513 5.38 13.18 9.54
CA THR A 513 6.08 13.60 8.32
C THR A 513 5.60 14.98 7.79
N TRP A 514 6.59 15.77 7.36
CA TRP A 514 6.37 17.06 6.75
C TRP A 514 7.32 17.24 5.55
N THR A 515 8.03 16.19 5.12
CA THR A 515 9.09 16.35 4.12
C THR A 515 8.67 16.17 2.67
N SER A 516 7.43 15.72 2.44
CA SER A 516 6.95 15.68 1.09
C SER A 516 5.48 16.09 1.04
N PRO A 517 5.22 17.40 1.26
CA PRO A 517 3.90 18.01 1.24
C PRO A 517 3.24 18.15 -0.15
N ILE A 518 4.02 18.03 -1.21
CA ILE A 518 3.51 18.09 -2.58
C ILE A 518 2.89 16.77 -2.99
N ARG A 519 3.29 15.70 -2.28
CA ARG A 519 2.84 14.33 -2.53
C ARG A 519 1.92 13.80 -1.40
N LYS A 520 1.83 14.52 -0.26
CA LYS A 520 1.05 14.04 0.88
C LYS A 520 0.25 15.16 1.52
N TYR A 521 -1.06 15.00 1.61
CA TYR A 521 -1.91 15.99 2.27
C TYR A 521 -1.56 16.14 3.78
N GLY A 522 -1.39 15.02 4.45
CA GLY A 522 -0.93 15.05 5.84
C GLY A 522 0.26 15.94 6.08
N ASP A 523 1.22 15.94 5.16
CA ASP A 523 2.43 16.76 5.29
C ASP A 523 2.14 18.26 5.10
N MET A 524 1.14 18.57 4.27
CA MET A 524 0.68 19.94 4.13
C MET A 524 0.03 20.43 5.42
N ILE A 525 -0.77 19.55 6.06
CA ILE A 525 -1.44 19.90 7.30
C ILE A 525 -0.40 20.21 8.34
N ASN A 526 0.54 19.28 8.54
CA ASN A 526 1.67 19.50 9.43
C ASN A 526 2.45 20.76 9.11
N HIS A 527 2.56 21.10 7.82
CA HIS A 527 3.22 22.35 7.40
C HIS A 527 2.51 23.59 7.98
N ARG A 528 1.18 23.56 7.99
CA ARG A 528 0.40 24.69 8.48
C ARG A 528 0.43 24.74 10.01
N LEU A 529 0.42 23.56 10.63
CA LEU A 529 0.58 23.46 12.05
C LEU A 529 1.96 23.97 12.47
N LEU A 530 3.02 23.48 11.85
CA LEU A 530 4.36 23.99 12.17
C LEU A 530 4.52 25.50 11.98
N LYS A 531 3.76 26.05 11.03
CA LYS A 531 3.77 27.49 10.71
C LYS A 531 3.04 28.27 11.79
N ALA A 532 1.99 27.70 12.34
CA ALA A 532 1.35 28.28 13.53
C ALA A 532 2.37 28.31 14.67
N VAL A 533 3.01 27.19 14.95
CA VAL A 533 4.01 27.13 16.03
C VAL A 533 5.08 28.21 15.85
N ILE A 534 5.67 28.31 14.65
CA ILE A 534 6.67 29.34 14.30
C ILE A 534 6.24 30.79 14.60
N LYS A 535 4.99 31.12 14.28
CA LYS A 535 4.45 32.46 14.48
C LYS A 535 3.94 32.73 15.90
N GLY A 536 3.88 31.68 16.72
CA GLY A 536 3.26 31.74 18.03
C GLY A 536 1.75 31.79 17.92
N GLU A 537 1.20 31.33 16.80
CA GLU A 537 -0.24 31.28 16.64
C GLU A 537 -0.85 30.07 17.35
N THR A 538 -2.17 30.14 17.56
CA THR A 538 -2.97 29.01 18.03
C THR A 538 -3.34 28.17 16.81
N ALA A 539 -3.66 26.89 17.03
CA ALA A 539 -4.01 25.98 15.94
C ALA A 539 -5.16 25.05 16.30
N THR A 540 -5.99 24.73 15.30
CA THR A 540 -7.12 23.81 15.43
C THR A 540 -6.65 22.37 15.20
N ARG A 541 -7.09 21.44 16.05
CA ARG A 541 -6.74 20.04 15.87
C ARG A 541 -7.52 19.54 14.65
N PRO A 542 -6.86 18.81 13.73
CA PRO A 542 -7.59 18.19 12.63
C PRO A 542 -8.64 17.19 13.11
N GLN A 543 -9.74 17.06 12.37
CA GLN A 543 -10.84 16.17 12.75
C GLN A 543 -10.37 14.73 12.51
N ASP A 544 -10.89 13.78 13.27
CA ASP A 544 -10.44 12.38 13.17
C ASP A 544 -10.84 11.77 11.83
N GLU A 545 -11.95 12.23 11.26
CA GLU A 545 -12.38 11.83 9.91
C GLU A 545 -11.34 12.14 8.87
N ILE A 546 -10.59 13.20 9.11
CA ILE A 546 -9.32 13.48 8.46
C ILE A 546 -8.32 12.34 8.19
N THR A 547 -7.91 11.69 9.26
CA THR A 547 -6.94 10.60 9.21
C THR A 547 -7.60 9.32 8.70
N VAL A 548 -8.92 9.20 8.91
CA VAL A 548 -9.71 8.12 8.37
C VAL A 548 -9.72 8.14 6.86
N GLN A 549 -9.99 9.30 6.26
CA GLN A 549 -10.08 9.37 4.77
C GLN A 549 -8.69 9.17 4.15
N MET A 550 -7.70 9.71 4.84
CA MET A 550 -6.27 9.57 4.51
C MET A 550 -5.86 8.06 4.47
N ALA A 551 -6.26 7.32 5.50
CA ALA A 551 -5.98 5.88 5.57
C ALA A 551 -6.67 5.10 4.47
N GLU A 552 -7.87 5.53 4.10
CA GLU A 552 -8.65 4.86 3.07
C GLU A 552 -7.98 5.02 1.70
N ARG A 553 -7.52 6.24 1.41
CA ARG A 553 -6.88 6.51 0.12
C ARG A 553 -5.52 5.84 0.02
N ARG A 554 -4.79 5.78 1.12
CA ARG A 554 -3.54 5.01 1.15
C ARG A 554 -3.78 3.55 0.77
N ARG A 555 -4.78 2.94 1.40
CA ARG A 555 -5.15 1.59 1.16
C ARG A 555 -5.53 1.39 -0.31
N LEU A 556 -6.40 2.25 -0.81
CA LEU A 556 -6.67 2.37 -2.25
C LEU A 556 -5.51 2.46 -3.26
N ASN A 557 -4.61 3.39 -2.96
CA ASN A 557 -3.44 3.60 -3.77
C ASN A 557 -2.57 2.36 -3.80
N ARG A 558 -2.44 1.68 -2.67
CA ARG A 558 -1.61 0.48 -2.57
C ARG A 558 -2.21 -0.65 -3.38
N MET A 559 -3.51 -0.83 -3.28
CA MET A 559 -4.22 -1.80 -4.09
C MET A 559 -4.15 -1.47 -5.58
N ALA A 560 -4.28 -0.19 -5.90
CA ALA A 560 -4.18 0.26 -7.27
C ALA A 560 -2.82 -0.13 -7.86
N GLU A 561 -1.73 -0.06 -7.01
CA GLU A 561 -0.37 -0.26 -7.54
C GLU A 561 -0.07 -1.74 -7.71
N ARG A 562 -0.54 -2.53 -6.76
CA ARG A 562 -0.40 -3.97 -6.90
C ARG A 562 -1.27 -4.56 -8.01
N ASP A 563 -2.39 -3.92 -8.36
CA ASP A 563 -3.23 -4.46 -9.45
C ASP A 563 -2.65 -4.18 -10.81
N VAL A 564 -2.22 -2.95 -11.02
CA VAL A 564 -1.26 -2.66 -12.08
C VAL A 564 -0.08 -3.64 -12.27
N GLY A 565 0.78 -3.71 -11.25
CA GLY A 565 1.86 -4.69 -11.15
C GLY A 565 1.44 -6.08 -11.55
N ASP A 566 0.34 -6.58 -11.00
CA ASP A 566 -0.18 -7.92 -11.33
C ASP A 566 -0.44 -8.12 -12.80
N TRP A 567 -1.09 -7.14 -13.42
CA TRP A 567 -1.34 -7.15 -14.87
C TRP A 567 -0.01 -7.22 -15.60
N LEU A 568 0.87 -6.28 -15.27
CA LEU A 568 2.24 -6.24 -15.77
C LEU A 568 3.16 -7.46 -15.68
N TYR A 569 3.08 -8.11 -14.53
CA TYR A 569 3.80 -9.32 -14.27
C TYR A 569 3.29 -10.44 -15.19
N ALA A 570 1.99 -10.44 -15.46
CA ALA A 570 1.39 -11.46 -16.30
C ALA A 570 1.83 -11.29 -17.72
N ARG A 571 1.82 -10.03 -18.16
CA ARG A 571 2.36 -9.68 -19.47
C ARG A 571 3.79 -10.10 -19.62
N PHE A 572 4.57 -9.78 -18.60
CA PHE A 572 6.01 -10.00 -18.62
C PHE A 572 6.31 -11.50 -18.70
N LEU A 573 5.53 -12.31 -17.99
CA LEU A 573 5.84 -13.72 -17.84
C LEU A 573 5.12 -14.67 -18.78
N LYS A 574 4.21 -14.15 -19.60
CA LYS A 574 3.34 -14.97 -20.45
C LYS A 574 4.15 -15.91 -21.33
N ASP A 575 5.13 -15.33 -22.02
CA ASP A 575 6.01 -16.08 -22.93
C ASP A 575 6.94 -17.09 -22.24
N LYS A 576 6.98 -17.10 -20.91
CA LYS A 576 7.78 -18.07 -20.19
C LYS A 576 6.95 -19.28 -19.84
N ALA A 577 5.63 -19.11 -19.76
CA ALA A 577 4.73 -20.23 -19.73
C ALA A 577 4.98 -21.49 -20.51
N GLY A 578 5.11 -22.61 -19.82
CA GLY A 578 5.39 -23.86 -20.51
C GLY A 578 6.83 -24.03 -20.95
N THR A 579 7.69 -23.05 -20.69
CA THR A 579 9.12 -23.17 -21.01
C THR A 579 9.85 -23.66 -19.77
N ASP A 580 11.16 -23.90 -19.92
CA ASP A 580 11.98 -24.42 -18.79
C ASP A 580 12.85 -23.34 -18.16
N THR A 581 12.68 -22.10 -18.60
CA THR A 581 13.12 -21.00 -17.79
C THR A 581 12.96 -21.16 -16.29
N ARG A 582 14.04 -20.98 -15.55
CA ARG A 582 13.96 -21.13 -14.11
C ARG A 582 14.01 -19.79 -13.44
N PHE A 583 13.32 -19.70 -12.32
CA PHE A 583 13.37 -18.52 -11.45
C PHE A 583 13.52 -19.00 -10.01
N ALA A 584 14.46 -18.45 -9.27
CA ALA A 584 14.51 -18.63 -7.81
C ALA A 584 13.29 -17.94 -7.21
N ALA A 585 12.62 -18.61 -6.27
CA ALA A 585 11.44 -18.03 -5.66
C ALA A 585 11.39 -18.27 -4.15
N GLU A 586 11.06 -17.22 -3.40
CA GLU A 586 10.78 -17.33 -1.97
C GLU A 586 9.33 -17.72 -1.64
N ILE A 587 9.16 -18.77 -0.85
CA ILE A 587 7.82 -19.16 -0.39
C ILE A 587 7.35 -18.07 0.57
N VAL A 588 6.24 -17.41 0.21
CA VAL A 588 5.65 -16.34 1.01
C VAL A 588 4.46 -16.86 1.85
N ASP A 589 3.72 -17.84 1.36
CA ASP A 589 2.61 -18.34 2.14
C ASP A 589 2.35 -19.80 1.77
N ILE A 590 1.86 -20.55 2.74
CA ILE A 590 1.49 -21.93 2.57
C ILE A 590 0.10 -22.09 3.14
N SER A 591 -0.77 -22.73 2.37
CA SER A 591 -2.15 -22.98 2.74
C SER A 591 -2.58 -24.36 2.30
N ARG A 592 -3.74 -24.80 2.74
CA ARG A 592 -4.41 -25.96 2.12
C ARG A 592 -4.20 -26.32 0.67
N GLY A 593 -4.47 -25.35 -0.19
CA GLY A 593 -4.42 -25.52 -1.62
C GLY A 593 -3.07 -25.39 -2.29
N GLY A 594 -2.03 -25.00 -1.54
CA GLY A 594 -0.70 -24.83 -2.11
C GLY A 594 0.16 -23.73 -1.49
N MET A 595 1.09 -23.23 -2.28
CA MET A 595 2.11 -22.27 -1.81
C MET A 595 2.10 -21.05 -2.72
N ARG A 596 2.05 -19.87 -2.12
CA ARG A 596 2.30 -18.62 -2.82
C ARG A 596 3.81 -18.36 -2.75
N VAL A 597 4.33 -17.77 -3.79
CA VAL A 597 5.77 -17.74 -4.07
C VAL A 597 6.10 -16.37 -4.73
N ARG A 598 7.20 -15.74 -4.34
CA ARG A 598 7.60 -14.44 -4.93
C ARG A 598 8.90 -14.63 -5.69
N LEU A 599 8.93 -14.26 -6.97
CA LEU A 599 10.15 -14.46 -7.77
C LEU A 599 11.17 -13.43 -7.36
N VAL A 600 12.36 -13.91 -7.03
CA VAL A 600 13.37 -13.15 -6.34
C VAL A 600 13.88 -12.00 -7.20
N ASP A 601 14.01 -12.28 -8.50
CA ASP A 601 14.60 -11.31 -9.39
C ASP A 601 13.67 -10.27 -9.98
N ASN A 602 12.36 -10.46 -9.88
CA ASN A 602 11.40 -9.45 -10.43
C ASN A 602 10.22 -9.12 -9.52
N GLY A 603 10.00 -9.95 -8.50
CA GLY A 603 8.97 -9.69 -7.49
C GLY A 603 7.58 -10.21 -7.85
N ALA A 604 7.47 -10.91 -8.99
CA ALA A 604 6.19 -11.44 -9.36
C ALA A 604 5.69 -12.47 -8.34
N ILE A 605 4.39 -12.41 -8.11
CA ILE A 605 3.61 -13.46 -7.44
C ILE A 605 3.06 -14.64 -8.23
N ALA A 606 3.42 -15.83 -7.80
CA ALA A 606 2.97 -17.04 -8.46
C ALA A 606 2.37 -17.95 -7.43
N PHE A 607 1.53 -18.86 -7.87
CA PHE A 607 0.95 -19.83 -7.00
C PHE A 607 1.38 -21.21 -7.45
N ILE A 608 1.65 -22.09 -6.49
CA ILE A 608 1.96 -23.50 -6.77
C ILE A 608 0.88 -24.37 -6.15
N PRO A 609 -0.03 -24.95 -6.97
CA PRO A 609 -1.08 -25.82 -6.41
C PRO A 609 -0.50 -27.04 -5.70
N ALA A 610 -1.12 -27.41 -4.58
CA ALA A 610 -0.75 -28.60 -3.80
C ALA A 610 -0.40 -29.87 -4.61
N PRO A 611 -1.25 -30.24 -5.59
CA PRO A 611 -0.93 -31.41 -6.40
C PRO A 611 0.42 -31.37 -7.15
N PHE A 612 0.93 -30.18 -7.46
CA PHE A 612 2.28 -30.05 -8.04
C PHE A 612 3.42 -30.45 -7.09
N LEU A 613 3.15 -30.53 -5.79
CA LEU A 613 4.22 -30.73 -4.79
C LEU A 613 4.47 -32.21 -4.44
N HIS A 614 3.48 -33.04 -4.68
CA HIS A 614 3.54 -34.47 -4.41
C HIS A 614 2.35 -35.14 -5.05
N ALA A 615 2.63 -36.20 -5.82
CA ALA A 615 1.64 -37.21 -6.32
C ALA A 615 0.43 -37.75 -5.58
N VAL A 616 0.63 -38.07 -4.30
CA VAL A 616 -0.34 -38.75 -3.44
C VAL A 616 -0.84 -37.76 -2.40
N ARG A 617 -2.04 -37.25 -2.68
CA ARG A 617 -2.78 -36.30 -1.87
C ARG A 617 -2.68 -36.60 -0.39
N ASP A 618 -2.86 -37.87 -0.02
CA ASP A 618 -3.03 -38.26 1.39
C ASP A 618 -1.70 -38.39 2.12
N GLU A 619 -0.61 -38.29 1.36
CA GLU A 619 0.76 -38.24 1.92
C GLU A 619 1.31 -36.82 2.06
N LEU A 620 0.49 -35.83 1.69
CA LEU A 620 0.88 -34.40 1.61
C LEU A 620 0.11 -33.56 2.59
N VAL A 621 0.79 -32.76 3.41
CA VAL A 621 0.12 -31.82 4.35
C VAL A 621 0.74 -30.43 4.23
N CYS A 622 -0.06 -29.52 3.70
CA CYS A 622 0.30 -28.12 3.63
C CYS A 622 -0.40 -27.42 4.78
N SER A 623 0.38 -27.01 5.78
CA SER A 623 -0.17 -26.44 6.98
C SER A 623 0.03 -24.94 7.01
N GLN A 624 -1.08 -24.20 6.91
CA GLN A 624 -1.11 -22.74 7.02
C GLN A 624 -0.52 -22.29 8.34
N GLU A 625 -0.80 -23.09 9.36
CA GLU A 625 -0.67 -22.72 10.75
C GLU A 625 0.75 -22.92 11.22
N ASN A 626 1.35 -24.01 10.76
CA ASN A 626 2.78 -24.22 10.86
C ASN A 626 3.78 -23.58 9.93
N GLY A 627 3.30 -23.13 8.76
CA GLY A 627 4.18 -22.67 7.69
C GLY A 627 5.05 -23.71 7.06
N THR A 628 4.56 -24.96 7.02
CA THR A 628 5.30 -26.08 6.46
C THR A 628 4.50 -26.87 5.43
N VAL A 629 5.22 -27.56 4.55
CA VAL A 629 4.70 -28.62 3.73
C VAL A 629 5.48 -29.85 4.12
N GLN A 630 4.75 -30.91 4.49
CA GLN A 630 5.33 -32.21 4.78
C GLN A 630 4.83 -33.29 3.83
N ILE A 631 5.74 -34.15 3.42
CA ILE A 631 5.41 -35.36 2.68
C ILE A 631 5.76 -36.54 3.56
N LYS A 632 4.79 -37.41 3.83
CA LYS A 632 4.99 -38.60 4.67
C LYS A 632 5.65 -38.20 5.99
N GLY A 633 5.20 -37.07 6.55
CA GLY A 633 5.62 -36.63 7.86
C GLY A 633 6.93 -35.86 7.94
N GLU A 634 7.58 -35.60 6.81
CA GLU A 634 8.87 -34.89 6.79
C GLU A 634 8.79 -33.55 6.05
N THR A 635 9.34 -32.52 6.67
CA THR A 635 9.26 -31.19 6.13
C THR A 635 10.13 -31.04 4.88
N VAL A 636 9.49 -30.55 3.83
CA VAL A 636 10.08 -30.44 2.54
C VAL A 636 10.16 -28.95 2.18
N TYR A 637 9.14 -28.16 2.53
CA TYR A 637 9.15 -26.71 2.32
C TYR A 637 8.76 -25.98 3.59
N LYS A 638 9.30 -24.78 3.78
CA LYS A 638 8.92 -23.82 4.83
C LYS A 638 8.74 -22.42 4.24
N VAL A 639 7.80 -21.65 4.79
CA VAL A 639 7.76 -20.21 4.54
C VAL A 639 9.20 -19.59 4.72
N THR A 640 9.60 -18.77 3.73
CA THR A 640 10.91 -18.09 3.59
C THR A 640 11.97 -18.90 2.85
N ASP A 641 11.72 -20.19 2.63
CA ASP A 641 12.61 -20.97 1.81
C ASP A 641 12.65 -20.41 0.40
N VAL A 642 13.81 -20.48 -0.24
CA VAL A 642 13.87 -20.21 -1.66
C VAL A 642 14.13 -21.51 -2.43
N ILE A 643 13.43 -21.61 -3.54
CA ILE A 643 13.40 -22.79 -4.38
C ILE A 643 13.41 -22.30 -5.81
N ASP A 644 13.63 -23.21 -6.73
CA ASP A 644 13.63 -22.89 -8.14
C ASP A 644 12.31 -23.43 -8.67
N VAL A 645 11.68 -22.61 -9.49
CA VAL A 645 10.43 -22.95 -10.14
C VAL A 645 10.54 -22.64 -11.64
N THR A 646 9.62 -23.24 -12.39
CA THR A 646 9.30 -22.85 -13.75
C THR A 646 7.89 -22.26 -13.72
N ILE A 647 7.53 -21.62 -14.83
CA ILE A 647 6.22 -21.05 -15.04
C ILE A 647 5.38 -22.05 -15.81
N ALA A 648 4.39 -22.62 -15.15
CA ALA A 648 3.48 -23.60 -15.75
C ALA A 648 2.38 -22.94 -16.62
N GLU A 649 1.84 -21.81 -16.14
CA GLU A 649 0.70 -21.19 -16.76
C GLU A 649 0.67 -19.69 -16.45
N VAL A 650 0.29 -18.89 -17.44
CA VAL A 650 -0.18 -17.53 -17.19
C VAL A 650 -1.57 -17.37 -17.82
N ARG A 651 -2.57 -17.30 -16.95
CA ARG A 651 -3.93 -17.08 -17.38
C ARG A 651 -4.18 -15.59 -17.40
N MET A 652 -4.22 -15.03 -18.61
CA MET A 652 -4.39 -13.58 -18.74
C MET A 652 -5.74 -13.06 -18.28
N GLU A 653 -6.74 -13.95 -18.23
CA GLU A 653 -8.10 -13.55 -17.90
C GLU A 653 -8.09 -13.05 -16.47
N THR A 654 -7.45 -13.84 -15.61
CA THR A 654 -7.39 -13.56 -14.19
C THR A 654 -6.05 -12.99 -13.75
N ARG A 655 -5.11 -12.73 -14.67
CA ARG A 655 -3.72 -12.42 -14.28
C ARG A 655 -2.91 -13.28 -13.32
N SER A 656 -3.26 -14.55 -13.30
CA SER A 656 -2.73 -15.47 -12.37
C SER A 656 -1.57 -16.17 -13.01
N ILE A 657 -0.53 -16.37 -12.21
CA ILE A 657 0.70 -17.01 -12.63
C ILE A 657 0.79 -18.30 -11.85
N ILE A 658 0.94 -19.41 -12.57
CA ILE A 658 1.07 -20.71 -11.93
C ILE A 658 2.47 -21.22 -12.15
N ALA A 659 3.13 -21.55 -11.03
CA ALA A 659 4.50 -22.02 -11.04
C ALA A 659 4.59 -23.48 -10.58
N ARG A 660 5.65 -24.14 -11.00
CA ARG A 660 5.92 -25.51 -10.60
C ARG A 660 7.35 -25.61 -10.08
N PRO A 661 7.58 -26.33 -8.97
CA PRO A 661 8.96 -26.47 -8.48
C PRO A 661 9.82 -27.20 -9.51
N VAL A 662 11.12 -26.89 -9.58
CA VAL A 662 11.93 -27.65 -10.49
C VAL A 662 12.23 -28.99 -9.79
N ALA A 663 11.94 -30.08 -10.50
CA ALA A 663 12.63 -31.35 -10.28
C ALA A 663 12.45 -31.97 -8.88
#